data_2E68
#
_entry.id   2E68
#
_cell.length_a   68.443
_cell.length_b   71.944
_cell.length_c   123.852
_cell.angle_alpha   90.00
_cell.angle_beta   90.00
_cell.angle_gamma   90.00
#
_symmetry.space_group_name_H-M   'P 21 21 21'
#
loop_
_entity.id
_entity.type
_entity.pdbx_description
1 polymer 'Dihydroorotate dehydrogenase'
2 non-polymer 'COBALT HEXAMMINE(III)'
3 non-polymer 'FLAVIN MONONUCLEOTIDE'
4 non-polymer '(4S)-2,6-DIOXOHEXAHYDROPYRIMIDINE-4-CARBOXYLIC ACID'
5 non-polymer GLYCEROL
6 water water
#
_entity_poly.entity_id   1
_entity_poly.type   'polypeptide(L)'
_entity_poly.pdbx_seq_one_letter_code
;MMCLKLNLLDHVFANPFMNAAGVLCSTEEDLRCMTASSSGALVSKSCTSAPRDGNPEPRYMAFPLGSINSMGLPNLGFDF
YLKYASDLHDYSKKPLFLSISGLSVEENVAMVRRLAPVAQEKGVLLELNLSCPNVPGKPQVAYDFEAMRTYLQQVSLAYG
LPFGVKMPPYFDIAHFDTAAAVLNEFPLVKFVTCVNSVGNGLVIDAESESVVIKPKQGFGGLGGKYILPTALANVNAFYR
RCPDKLVFGCGGVYSGEDAFLHILAGASMVQVGTALQEEGPGIFTRLEDELLEIMARKGYRTLEEFRGRVKTIE
;
_entity_poly.pdbx_strand_id   A,B
#
loop_
_chem_comp.id
_chem_comp.type
_chem_comp.name
_chem_comp.formula
DOR non-polymer '(4S)-2,6-DIOXOHEXAHYDROPYRIMIDINE-4-CARBOXYLIC ACID' 'C5 H6 N2 O4'
FMN non-polymer 'FLAVIN MONONUCLEOTIDE' 'C17 H21 N4 O9 P'
GOL non-polymer GLYCEROL 'C3 H8 O3'
NCO non-polymer 'COBALT HEXAMMINE(III)' 'Co H18 N6 3'
#
# COMPACT_ATOMS: atom_id res chain seq x y z
N MET A 2 -15.49 29.26 -18.60
CA MET A 2 -14.92 27.89 -18.65
C MET A 2 -15.69 26.89 -17.80
N CYS A 3 -15.95 25.73 -18.36
CA CYS A 3 -16.66 24.66 -17.66
C CYS A 3 -15.91 23.33 -17.79
N LEU A 4 -16.28 22.37 -16.93
CA LEU A 4 -15.58 21.08 -16.81
C LEU A 4 -16.30 19.93 -17.54
N LYS A 5 -17.29 20.28 -18.37
CA LYS A 5 -18.14 19.28 -19.04
C LYS A 5 -17.34 18.39 -19.98
N LEU A 6 -17.66 17.10 -20.00
CA LEU A 6 -16.97 16.12 -20.86
C LEU A 6 -17.87 14.97 -21.32
N ASN A 7 -17.45 14.28 -22.37
CA ASN A 7 -18.18 13.15 -22.93
CA ASN A 7 -18.18 13.14 -22.89
C ASN A 7 -17.31 11.89 -22.84
N LEU A 8 -17.92 10.80 -22.37
CA LEU A 8 -17.25 9.50 -22.19
C LEU A 8 -18.30 8.40 -22.27
N LEU A 9 -17.95 7.25 -22.83
CA LEU A 9 -18.81 6.07 -22.81
C LEU A 9 -20.22 6.35 -23.36
N ASP A 10 -20.30 7.22 -24.36
CA ASP A 10 -21.58 7.65 -24.96
C ASP A 10 -22.51 8.36 -23.97
N HIS A 11 -21.93 8.98 -22.95
CA HIS A 11 -22.67 9.81 -22.02
C HIS A 11 -22.01 11.16 -21.88
N VAL A 12 -22.79 12.16 -21.49
CA VAL A 12 -22.29 13.49 -21.23
C VAL A 12 -22.24 13.72 -19.72
N PHE A 13 -21.13 14.29 -19.26
CA PHE A 13 -20.91 14.56 -17.85
C PHE A 13 -20.63 16.06 -17.65
N ALA A 14 -21.27 16.67 -16.65
CA ALA A 14 -21.07 18.09 -16.33
C ALA A 14 -19.65 18.41 -15.86
N ASN A 15 -19.03 17.42 -15.23
CA ASN A 15 -17.70 17.54 -14.68
C ASN A 15 -17.18 16.12 -14.40
N PRO A 16 -15.88 15.96 -14.14
CA PRO A 16 -15.35 14.60 -13.94
C PRO A 16 -15.57 13.98 -12.56
N PHE A 17 -16.29 14.66 -11.65
CA PHE A 17 -16.34 14.19 -10.27
C PHE A 17 -17.52 13.26 -10.01
N MET A 18 -17.28 12.24 -9.19
CA MET A 18 -18.34 11.36 -8.73
C MET A 18 -17.98 10.80 -7.37
N ASN A 19 -18.95 10.22 -6.68
CA ASN A 19 -18.62 9.47 -5.48
C ASN A 19 -17.82 8.21 -5.81
N ALA A 20 -17.00 7.76 -4.86
CA ALA A 20 -16.43 6.43 -4.94
C ALA A 20 -17.50 5.43 -4.52
N ALA A 21 -17.52 4.25 -5.14
CA ALA A 21 -18.52 3.25 -4.75
C ALA A 21 -18.43 2.97 -3.26
N GLY A 22 -19.59 2.82 -2.64
CA GLY A 22 -19.68 2.55 -1.21
C GLY A 22 -19.93 3.76 -0.34
N VAL A 23 -19.58 4.95 -0.83
CA VAL A 23 -19.74 6.18 -0.06
C VAL A 23 -20.98 6.94 -0.56
N LEU A 24 -21.91 7.22 0.37
CA LEU A 24 -23.14 7.98 0.10
C LEU A 24 -23.94 7.39 -1.06
N CYS A 25 -24.21 6.07 -1.02
CA CYS A 25 -24.85 5.43 -2.17
C CYS A 25 -25.49 4.09 -1.88
N SER A 26 -25.86 3.86 -0.62
CA SER A 26 -26.43 2.57 -0.21
C SER A 26 -27.95 2.52 -0.22
N THR A 27 -28.58 3.64 0.12
CA THR A 27 -30.03 3.69 0.22
C THR A 27 -30.59 4.60 -0.86
N GLU A 28 -31.90 4.56 -1.07
CA GLU A 28 -32.55 5.47 -2.02
C GLU A 28 -32.27 6.92 -1.62
N GLU A 29 -32.39 7.22 -0.33
CA GLU A 29 -32.05 8.53 0.21
C GLU A 29 -30.63 8.97 -0.20
N ASP A 30 -29.64 8.09 0.00
CA ASP A 30 -28.25 8.40 -0.39
C ASP A 30 -28.15 8.72 -1.88
N LEU A 31 -28.76 7.86 -2.71
CA LEU A 31 -28.69 8.03 -4.16
C LEU A 31 -29.38 9.30 -4.64
N ARG A 32 -30.50 9.66 -4.01
CA ARG A 32 -31.19 10.92 -4.30
CA ARG A 32 -31.16 10.91 -4.35
C ARG A 32 -30.31 12.10 -3.92
N CYS A 33 -29.59 11.97 -2.81
CA CYS A 33 -28.68 13.00 -2.33
C CYS A 33 -27.53 13.21 -3.31
N MET A 34 -26.87 12.12 -3.71
CA MET A 34 -25.83 12.19 -4.74
C MET A 34 -26.35 12.77 -6.06
N THR A 35 -27.57 12.42 -6.44
CA THR A 35 -28.16 12.96 -7.67
C THR A 35 -28.39 14.47 -7.56
N ALA A 36 -28.80 14.93 -6.38
CA ALA A 36 -29.03 16.36 -6.14
C ALA A 36 -27.74 17.18 -6.00
N SER A 37 -26.62 16.50 -5.74
CA SER A 37 -25.32 17.17 -5.61
C SER A 37 -24.81 17.69 -6.94
N SER A 38 -23.70 18.42 -6.91
CA SER A 38 -23.09 18.97 -8.10
CA SER A 38 -23.11 18.97 -8.13
C SER A 38 -22.16 17.97 -8.82
N SER A 39 -22.10 16.74 -8.33
CA SER A 39 -21.24 15.74 -8.98
C SER A 39 -21.64 15.52 -10.43
N GLY A 40 -20.67 15.15 -11.25
CA GLY A 40 -20.91 14.83 -12.66
C GLY A 40 -21.57 13.48 -12.89
N ALA A 41 -21.42 12.58 -11.92
CA ALA A 41 -22.07 11.26 -11.98
C ALA A 41 -22.21 10.70 -10.58
N LEU A 42 -22.82 9.52 -10.48
CA LEU A 42 -22.84 8.77 -9.22
C LEU A 42 -22.75 7.29 -9.51
N VAL A 43 -22.29 6.55 -8.51
CA VAL A 43 -22.22 5.09 -8.57
C VAL A 43 -22.88 4.52 -7.31
N SER A 44 -23.62 3.43 -7.48
CA SER A 44 -24.30 2.80 -6.34
C SER A 44 -23.36 1.89 -5.55
N LYS A 45 -23.73 1.59 -4.31
CA LYS A 45 -22.99 0.67 -3.43
C LYS A 45 -22.78 -0.69 -4.09
N SER A 46 -21.58 -1.25 -3.99
CA SER A 46 -21.35 -2.60 -4.51
C SER A 46 -22.36 -3.56 -3.90
N CYS A 47 -23.08 -4.27 -4.76
CA CYS A 47 -24.16 -5.11 -4.28
C CYS A 47 -23.96 -6.60 -4.54
N THR A 48 -24.77 -7.39 -3.84
CA THR A 48 -24.76 -8.84 -3.93
C THR A 48 -26.17 -9.27 -4.28
N SER A 49 -26.34 -10.53 -4.67
N SER A 49 -26.34 -10.53 -4.68
CA SER A 49 -27.65 -11.03 -5.10
CA SER A 49 -27.66 -11.00 -5.10
C SER A 49 -28.73 -10.87 -4.02
C SER A 49 -28.71 -10.78 -4.01
N ALA A 50 -28.35 -11.11 -2.77
CA ALA A 50 -29.24 -10.96 -1.62
C ALA A 50 -28.77 -9.78 -0.75
N PRO A 51 -29.70 -9.16 0.00
CA PRO A 51 -29.29 -8.10 0.95
C PRO A 51 -28.29 -8.65 1.96
N ARG A 52 -27.39 -7.77 2.43
CA ARG A 52 -26.39 -8.12 3.45
C ARG A 52 -26.35 -7.10 4.55
N ASP A 53 -26.25 -7.58 5.79
CA ASP A 53 -26.02 -6.70 6.95
C ASP A 53 -24.56 -6.19 7.02
N GLY A 54 -23.63 -6.94 6.43
CA GLY A 54 -22.21 -6.59 6.52
C GLY A 54 -21.55 -7.06 7.81
N ASN A 55 -20.33 -6.57 8.04
CA ASN A 55 -19.52 -6.96 9.19
C ASN A 55 -19.97 -6.23 10.48
N PRO A 56 -19.57 -6.75 11.66
CA PRO A 56 -19.96 -6.08 12.92
C PRO A 56 -19.36 -4.68 13.11
N GLU A 57 -20.12 -3.81 13.76
CA GLU A 57 -19.69 -2.45 14.08
C GLU A 57 -18.88 -2.41 15.39
N PRO A 58 -17.95 -1.45 15.54
CA PRO A 58 -17.56 -0.42 14.57
C PRO A 58 -16.77 -0.95 13.38
N ARG A 59 -17.07 -0.42 12.20
CA ARG A 59 -16.45 -0.94 10.98
C ARG A 59 -15.91 0.16 10.05
N TYR A 60 -16.06 1.42 10.44
CA TYR A 60 -15.47 2.54 9.70
C TYR A 60 -14.93 3.54 10.72
N MET A 61 -13.70 3.99 10.53
CA MET A 61 -13.14 5.05 11.36
C MET A 61 -12.28 5.99 10.53
N ALA A 62 -12.44 7.30 10.76
CA ALA A 62 -11.67 8.31 10.03
C ALA A 62 -10.74 9.09 10.94
N PHE A 63 -9.64 9.55 10.35
CA PHE A 63 -8.55 10.21 11.05
C PHE A 63 -8.00 11.30 10.14
N PRO A 64 -7.13 12.18 10.69
CA PRO A 64 -6.61 13.26 9.85
C PRO A 64 -6.01 12.79 8.52
N LEU A 65 -5.34 11.63 8.51
CA LEU A 65 -4.67 11.16 7.29
C LEU A 65 -5.51 10.20 6.44
N GLY A 66 -6.71 9.85 6.88
CA GLY A 66 -7.57 9.01 6.04
C GLY A 66 -8.50 8.15 6.83
N SER A 67 -8.87 7.02 6.26
CA SER A 67 -9.86 6.15 6.87
C SER A 67 -9.46 4.69 6.81
N ILE A 68 -10.05 3.90 7.70
CA ILE A 68 -9.97 2.45 7.66
C ILE A 68 -11.40 1.91 7.69
N ASN A 69 -11.65 0.87 6.90
CA ASN A 69 -13.00 0.32 6.88
C ASN A 69 -12.99 -1.18 6.65
N SER A 70 -13.91 -1.87 7.32
CA SER A 70 -14.22 -3.25 6.98
C SER A 70 -15.73 -3.40 6.96
N MET A 71 -16.37 -2.72 6.01
CA MET A 71 -17.83 -2.69 5.95
C MET A 71 -18.41 -4.10 5.75
N GLY A 72 -17.83 -4.87 4.85
CA GLY A 72 -18.27 -6.23 4.55
C GLY A 72 -19.45 -6.30 3.58
N LEU A 73 -19.48 -5.34 2.64
CA LEU A 73 -20.54 -5.26 1.62
C LEU A 73 -21.98 -5.21 2.18
N PRO A 74 -22.23 -4.34 3.18
CA PRO A 74 -23.61 -4.17 3.61
C PRO A 74 -24.34 -3.50 2.45
N ASN A 75 -25.46 -4.08 2.02
CA ASN A 75 -26.18 -3.51 0.90
C ASN A 75 -27.63 -3.99 0.89
N LEU A 76 -28.48 -3.27 0.18
CA LEU A 76 -29.90 -3.57 0.14
C LEU A 76 -30.27 -4.70 -0.83
N GLY A 77 -29.28 -5.26 -1.51
CA GLY A 77 -29.50 -6.33 -2.47
C GLY A 77 -29.63 -5.81 -3.89
N PHE A 78 -29.16 -6.63 -4.83
CA PHE A 78 -29.19 -6.29 -6.24
C PHE A 78 -30.58 -5.86 -6.72
N ASP A 79 -31.64 -6.53 -6.23
CA ASP A 79 -33.01 -6.18 -6.67
C ASP A 79 -33.26 -4.69 -6.48
N PHE A 80 -32.82 -4.16 -5.34
CA PHE A 80 -33.02 -2.74 -5.07
C PHE A 80 -32.25 -1.83 -6.01
N TYR A 81 -30.97 -2.11 -6.20
CA TYR A 81 -30.15 -1.23 -7.04
C TYR A 81 -30.57 -1.30 -8.49
N LEU A 82 -30.99 -2.47 -8.93
CA LEU A 82 -31.55 -2.62 -10.28
C LEU A 82 -32.84 -1.80 -10.45
N LYS A 83 -33.71 -1.85 -9.44
CA LYS A 83 -34.93 -1.05 -9.43
C LYS A 83 -34.62 0.45 -9.45
N TYR A 84 -33.63 0.87 -8.66
CA TYR A 84 -33.21 2.26 -8.67
C TYR A 84 -32.81 2.65 -10.11
N ALA A 85 -31.97 1.84 -10.75
CA ALA A 85 -31.52 2.11 -12.12
C ALA A 85 -32.66 2.11 -13.14
N SER A 86 -33.60 1.17 -12.99
CA SER A 86 -34.65 0.99 -13.99
CA SER A 86 -34.66 0.98 -13.98
C SER A 86 -35.82 1.96 -13.82
N ASP A 87 -36.19 2.26 -12.57
CA ASP A 87 -37.42 3.00 -12.29
C ASP A 87 -37.26 4.38 -11.65
N LEU A 88 -36.19 4.55 -10.86
CA LEU A 88 -36.11 5.69 -9.95
C LEU A 88 -35.13 6.78 -10.35
N HIS A 89 -34.01 6.40 -10.96
CA HIS A 89 -33.00 7.40 -11.28
C HIS A 89 -33.42 8.36 -12.37
N ASP A 90 -33.15 9.65 -12.15
CA ASP A 90 -33.40 10.67 -13.16
C ASP A 90 -32.14 10.86 -14.00
N TYR A 91 -32.12 10.19 -15.16
CA TYR A 91 -30.96 10.24 -16.06
C TYR A 91 -30.74 11.62 -16.70
N SER A 92 -31.74 12.48 -16.64
CA SER A 92 -31.60 13.85 -17.14
C SER A 92 -30.67 14.66 -16.24
N LYS A 93 -30.50 14.22 -14.99
CA LYS A 93 -29.63 14.93 -14.05
C LYS A 93 -28.16 14.57 -14.26
N LYS A 94 -27.85 13.27 -14.32
CA LYS A 94 -26.47 12.81 -14.50
C LYS A 94 -26.45 11.30 -14.74
N PRO A 95 -25.37 10.80 -15.36
CA PRO A 95 -25.25 9.35 -15.54
C PRO A 95 -25.11 8.58 -14.23
N LEU A 96 -25.57 7.33 -14.28
CA LEU A 96 -25.49 6.39 -13.18
C LEU A 96 -24.61 5.18 -13.53
N PHE A 97 -23.73 4.83 -12.60
CA PHE A 97 -22.98 3.57 -12.62
C PHE A 97 -23.56 2.68 -11.52
N LEU A 98 -23.65 1.39 -11.82
CA LEU A 98 -24.09 0.40 -10.84
C LEU A 98 -22.93 -0.56 -10.57
N SER A 99 -22.49 -0.62 -9.32
CA SER A 99 -21.38 -1.47 -8.93
C SER A 99 -21.89 -2.81 -8.41
N ILE A 100 -21.29 -3.91 -8.88
CA ILE A 100 -21.62 -5.23 -8.34
C ILE A 100 -20.38 -5.89 -7.77
N SER A 101 -20.57 -6.64 -6.69
CA SER A 101 -19.48 -7.35 -6.06
C SER A 101 -19.94 -8.70 -5.55
N GLY A 102 -20.36 -9.58 -6.46
CA GLY A 102 -20.70 -10.95 -6.06
C GLY A 102 -19.52 -11.65 -5.40
N LEU A 103 -19.83 -12.64 -4.56
CA LEU A 103 -18.82 -13.40 -3.82
C LEU A 103 -18.31 -14.62 -4.58
N SER A 104 -18.76 -14.77 -5.82
CA SER A 104 -18.31 -15.82 -6.72
C SER A 104 -18.56 -15.37 -8.14
N VAL A 105 -17.94 -16.04 -9.10
CA VAL A 105 -18.18 -15.71 -10.50
C VAL A 105 -19.66 -15.96 -10.88
N GLU A 106 -20.24 -17.05 -10.37
CA GLU A 106 -21.63 -17.40 -10.63
CA GLU A 106 -21.63 -17.37 -10.69
C GLU A 106 -22.58 -16.28 -10.19
N GLU A 107 -22.30 -15.70 -9.02
CA GLU A 107 -23.15 -14.65 -8.48
C GLU A 107 -23.09 -13.39 -9.35
N ASN A 108 -21.89 -13.01 -9.77
CA ASN A 108 -21.73 -11.90 -10.70
C ASN A 108 -22.46 -12.13 -12.03
N VAL A 109 -22.33 -13.33 -12.57
CA VAL A 109 -22.99 -13.68 -13.82
C VAL A 109 -24.51 -13.55 -13.68
N ALA A 110 -25.05 -14.02 -12.56
CA ALA A 110 -26.50 -13.95 -12.33
C ALA A 110 -26.96 -12.50 -12.35
N MET A 111 -26.19 -11.61 -11.70
CA MET A 111 -26.56 -10.21 -11.66
C MET A 111 -26.48 -9.54 -13.04
N VAL A 112 -25.40 -9.78 -13.78
CA VAL A 112 -25.24 -9.06 -15.04
C VAL A 112 -26.27 -9.49 -16.08
N ARG A 113 -26.74 -10.74 -16.02
CA ARG A 113 -27.79 -11.20 -16.93
C ARG A 113 -29.06 -10.38 -16.78
N ARG A 114 -29.34 -9.98 -15.54
CA ARG A 114 -30.52 -9.14 -15.26
C ARG A 114 -30.26 -7.66 -15.46
N LEU A 115 -29.00 -7.23 -15.33
CA LEU A 115 -28.65 -5.84 -15.55
C LEU A 115 -28.72 -5.47 -17.04
N ALA A 116 -28.35 -6.42 -17.89
CA ALA A 116 -28.26 -6.17 -19.33
C ALA A 116 -29.48 -5.45 -19.96
N PRO A 117 -30.72 -5.99 -19.80
CA PRO A 117 -31.88 -5.27 -20.37
C PRO A 117 -32.06 -3.84 -19.84
N VAL A 118 -31.69 -3.60 -18.59
CA VAL A 118 -31.79 -2.25 -18.02
C VAL A 118 -30.69 -1.35 -18.58
N ALA A 119 -29.49 -1.89 -18.75
CA ALA A 119 -28.44 -1.16 -19.44
C ALA A 119 -28.86 -0.80 -20.87
N GLN A 120 -29.46 -1.74 -21.58
CA GLN A 120 -29.94 -1.49 -22.94
C GLN A 120 -31.01 -0.39 -22.99
N GLU A 121 -31.91 -0.38 -22.02
CA GLU A 121 -33.04 0.56 -22.04
C GLU A 121 -32.66 1.93 -21.50
N LYS A 122 -31.91 1.95 -20.39
CA LYS A 122 -31.66 3.17 -19.63
C LYS A 122 -30.25 3.75 -19.76
N GLY A 123 -29.28 2.91 -20.13
CA GLY A 123 -27.90 3.36 -20.24
C GLY A 123 -27.10 3.38 -18.95
N VAL A 124 -27.62 2.75 -17.91
CA VAL A 124 -26.84 2.54 -16.68
C VAL A 124 -25.54 1.79 -17.00
N LEU A 125 -24.45 2.16 -16.34
CA LEU A 125 -23.11 1.64 -16.63
C LEU A 125 -22.60 0.72 -15.52
N LEU A 126 -22.20 -0.49 -15.89
CA LEU A 126 -21.70 -1.47 -14.92
C LEU A 126 -20.26 -1.20 -14.50
N GLU A 127 -20.03 -1.19 -13.18
CA GLU A 127 -18.67 -1.28 -12.61
C GLU A 127 -18.56 -2.60 -11.85
N LEU A 128 -17.74 -3.51 -12.36
CA LEU A 128 -17.52 -4.81 -11.74
C LEU A 128 -16.41 -4.70 -10.70
N ASN A 129 -16.76 -4.95 -9.45
CA ASN A 129 -15.79 -4.82 -8.36
C ASN A 129 -14.98 -6.10 -8.15
N LEU A 130 -13.70 -6.06 -8.50
CA LEU A 130 -12.81 -7.22 -8.34
C LEU A 130 -11.80 -7.00 -7.22
N SER A 131 -12.14 -6.16 -6.26
CA SER A 131 -11.13 -5.71 -5.32
C SER A 131 -11.60 -5.47 -3.88
N CYS A 132 -12.75 -5.99 -3.51
CA CYS A 132 -13.20 -5.89 -2.12
C CYS A 132 -12.22 -6.64 -1.21
N PRO A 133 -11.62 -5.93 -0.23
CA PRO A 133 -10.66 -6.57 0.67
C PRO A 133 -11.21 -6.91 2.07
N ASN A 134 -12.54 -6.91 2.24
CA ASN A 134 -13.14 -6.93 3.58
C ASN A 134 -14.08 -8.08 3.94
N VAL A 135 -14.36 -8.98 3.00
CA VAL A 135 -15.25 -10.11 3.32
C VAL A 135 -14.38 -11.27 3.82
N PRO A 136 -14.61 -11.73 5.07
CA PRO A 136 -13.78 -12.81 5.61
C PRO A 136 -13.73 -14.04 4.72
N GLY A 137 -12.51 -14.50 4.43
CA GLY A 137 -12.31 -15.69 3.62
C GLY A 137 -12.42 -15.50 2.12
N LYS A 138 -12.61 -14.26 1.68
CA LYS A 138 -12.74 -13.95 0.26
C LYS A 138 -11.67 -12.96 -0.17
N PRO A 139 -10.50 -13.46 -0.60
CA PRO A 139 -9.43 -12.57 -1.06
C PRO A 139 -9.79 -11.75 -2.29
N GLN A 140 -9.16 -10.58 -2.44
CA GLN A 140 -9.34 -9.71 -3.60
C GLN A 140 -9.19 -10.51 -4.89
N VAL A 141 -10.24 -10.55 -5.69
CA VAL A 141 -10.24 -11.36 -6.92
C VAL A 141 -9.07 -11.01 -7.84
N ALA A 142 -8.82 -9.72 -8.05
CA ALA A 142 -7.81 -9.30 -9.02
C ALA A 142 -6.36 -9.43 -8.50
N TYR A 143 -6.19 -9.97 -7.30
CA TYR A 143 -4.85 -10.43 -6.87
C TYR A 143 -4.55 -11.89 -7.29
N ASP A 144 -5.53 -12.53 -7.90
CA ASP A 144 -5.38 -13.87 -8.47
C ASP A 144 -5.70 -13.72 -9.95
N PHE A 145 -4.66 -13.70 -10.79
CA PHE A 145 -4.83 -13.35 -12.19
C PHE A 145 -5.65 -14.36 -12.98
N GLU A 146 -5.55 -15.63 -12.63
CA GLU A 146 -6.40 -16.64 -13.26
C GLU A 146 -7.86 -16.45 -12.89
N ALA A 147 -8.15 -16.15 -11.61
CA ALA A 147 -9.51 -15.85 -11.18
C ALA A 147 -10.04 -14.60 -11.89
N MET A 148 -9.21 -13.57 -11.97
CA MET A 148 -9.55 -12.35 -12.67
C MET A 148 -9.96 -12.62 -14.12
N ARG A 149 -9.15 -13.41 -14.82
CA ARG A 149 -9.46 -13.78 -16.20
C ARG A 149 -10.81 -14.51 -16.30
N THR A 150 -11.04 -15.46 -15.40
CA THR A 150 -12.30 -16.22 -15.39
C THR A 150 -13.50 -15.31 -15.17
N TYR A 151 -13.43 -14.42 -14.18
CA TYR A 151 -14.52 -13.48 -13.93
C TYR A 151 -14.82 -12.63 -15.16
N LEU A 152 -13.76 -12.11 -15.80
CA LEU A 152 -13.94 -11.23 -16.94
C LEU A 152 -14.47 -11.96 -18.17
N GLN A 153 -14.02 -13.20 -18.38
CA GLN A 153 -14.53 -14.03 -19.47
C GLN A 153 -16.02 -14.30 -19.27
N GLN A 154 -16.39 -14.72 -18.07
CA GLN A 154 -17.77 -15.10 -17.78
CA GLN A 154 -17.78 -15.11 -17.82
C GLN A 154 -18.71 -13.90 -17.80
N VAL A 155 -18.28 -12.79 -17.21
CA VAL A 155 -19.10 -11.58 -17.21
C VAL A 155 -19.23 -11.02 -18.63
N SER A 156 -18.13 -11.00 -19.39
CA SER A 156 -18.20 -10.54 -20.79
C SER A 156 -19.23 -11.33 -21.60
N LEU A 157 -19.23 -12.64 -21.46
CA LEU A 157 -20.12 -13.53 -22.20
C LEU A 157 -21.57 -13.38 -21.76
N ALA A 158 -21.80 -13.22 -20.46
CA ALA A 158 -23.15 -13.12 -19.93
C ALA A 158 -23.77 -11.74 -20.13
N TYR A 159 -22.94 -10.70 -20.13
CA TYR A 159 -23.42 -9.32 -20.17
C TYR A 159 -23.49 -8.80 -21.61
N GLY A 160 -22.40 -8.95 -22.35
CA GLY A 160 -22.35 -8.61 -23.78
C GLY A 160 -22.39 -7.13 -24.10
N LEU A 161 -22.19 -6.30 -23.07
CA LEU A 161 -22.29 -4.85 -23.17
C LEU A 161 -21.03 -4.22 -22.54
N PRO A 162 -20.73 -2.95 -22.89
CA PRO A 162 -19.57 -2.28 -22.28
CA PRO A 162 -19.56 -2.30 -22.28
C PRO A 162 -19.67 -2.24 -20.76
N PHE A 163 -18.53 -2.39 -20.09
CA PHE A 163 -18.49 -2.28 -18.63
C PHE A 163 -17.11 -1.85 -18.16
N GLY A 164 -16.98 -1.61 -16.86
CA GLY A 164 -15.70 -1.26 -16.29
C GLY A 164 -15.40 -2.13 -15.09
N VAL A 165 -14.17 -2.00 -14.60
CA VAL A 165 -13.67 -2.84 -13.51
CA VAL A 165 -13.69 -2.82 -13.49
C VAL A 165 -13.01 -2.00 -12.41
N LYS A 166 -13.41 -2.24 -11.16
CA LYS A 166 -12.79 -1.59 -9.99
C LYS A 166 -11.61 -2.46 -9.56
N MET A 167 -10.41 -1.91 -9.71
CA MET A 167 -9.17 -2.62 -9.49
C MET A 167 -8.56 -2.38 -8.11
N PRO A 168 -7.85 -3.38 -7.57
CA PRO A 168 -7.11 -3.19 -6.33
C PRO A 168 -5.80 -2.49 -6.66
N PRO A 169 -5.16 -1.84 -5.67
CA PRO A 169 -3.83 -1.28 -5.92
C PRO A 169 -2.79 -2.38 -6.06
N TYR A 170 -1.86 -2.20 -7.00
CA TYR A 170 -0.68 -3.06 -7.11
C TYR A 170 0.56 -2.27 -6.76
N PHE A 171 1.65 -3.00 -6.50
CA PHE A 171 2.87 -2.42 -5.91
C PHE A 171 4.14 -2.95 -6.57
N ASP A 172 3.96 -3.58 -7.73
CA ASP A 172 4.98 -4.40 -8.36
C ASP A 172 4.80 -4.22 -9.86
N ILE A 173 5.86 -3.82 -10.56
CA ILE A 173 5.82 -3.58 -12.01
C ILE A 173 5.34 -4.80 -12.80
N ALA A 174 5.79 -5.98 -12.41
CA ALA A 174 5.36 -7.22 -13.07
C ALA A 174 3.85 -7.40 -12.94
N HIS A 175 3.30 -7.02 -11.78
CA HIS A 175 1.86 -7.10 -11.55
C HIS A 175 1.10 -6.10 -12.40
N PHE A 176 1.59 -4.86 -12.52
CA PHE A 176 0.98 -3.90 -13.45
C PHE A 176 0.93 -4.51 -14.86
N ASP A 177 2.07 -5.06 -15.29
CA ASP A 177 2.18 -5.65 -16.63
C ASP A 177 1.16 -6.77 -16.83
N THR A 178 1.09 -7.69 -15.88
CA THR A 178 0.20 -8.84 -16.01
C THR A 178 -1.27 -8.41 -15.93
N ALA A 179 -1.60 -7.56 -14.96
CA ALA A 179 -2.98 -7.12 -14.76
C ALA A 179 -3.52 -6.40 -15.97
N ALA A 180 -2.71 -5.49 -16.52
CA ALA A 180 -3.14 -4.74 -17.70
C ALA A 180 -3.28 -5.65 -18.92
N ALA A 181 -2.39 -6.62 -19.06
CA ALA A 181 -2.49 -7.56 -20.17
C ALA A 181 -3.77 -8.39 -20.08
N VAL A 182 -4.15 -8.81 -18.87
CA VAL A 182 -5.43 -9.50 -18.67
C VAL A 182 -6.58 -8.59 -19.12
N LEU A 183 -6.61 -7.36 -18.63
CA LEU A 183 -7.67 -6.41 -18.99
C LEU A 183 -7.76 -6.20 -20.50
N ASN A 184 -6.61 -6.14 -21.15
CA ASN A 184 -6.56 -5.89 -22.59
C ASN A 184 -7.07 -7.04 -23.45
N GLU A 185 -7.27 -8.21 -22.84
CA GLU A 185 -7.88 -9.36 -23.51
C GLU A 185 -9.38 -9.17 -23.72
N PHE A 186 -9.96 -8.18 -23.04
CA PHE A 186 -11.42 -8.03 -22.98
C PHE A 186 -11.91 -6.71 -23.57
N PRO A 187 -12.35 -6.73 -24.85
CA PRO A 187 -12.75 -5.49 -25.50
C PRO A 187 -13.95 -4.80 -24.87
N LEU A 188 -14.79 -5.55 -24.15
CA LEU A 188 -15.96 -4.95 -23.49
C LEU A 188 -15.59 -4.15 -22.25
N VAL A 189 -14.37 -4.36 -21.72
CA VAL A 189 -13.90 -3.54 -20.61
C VAL A 189 -13.46 -2.18 -21.16
N LYS A 190 -14.30 -1.17 -20.93
CA LYS A 190 -14.08 0.16 -21.49
C LYS A 190 -13.43 1.12 -20.52
N PHE A 191 -13.56 0.85 -19.23
CA PHE A 191 -12.91 1.67 -18.20
C PHE A 191 -12.38 0.83 -17.07
N VAL A 192 -11.35 1.37 -16.43
CA VAL A 192 -10.65 0.72 -15.35
C VAL A 192 -10.57 1.75 -14.22
N THR A 193 -11.13 1.42 -13.07
CA THR A 193 -11.10 2.33 -11.92
C THR A 193 -10.00 1.93 -10.96
N CYS A 194 -9.04 2.82 -10.80
CA CYS A 194 -7.87 2.61 -9.95
C CYS A 194 -7.90 3.73 -8.90
N VAL A 195 -8.06 3.44 -7.60
CA VAL A 195 -7.98 2.12 -6.97
C VAL A 195 -9.06 1.97 -5.90
N ASN A 196 -9.35 0.72 -5.57
CA ASN A 196 -10.06 0.38 -4.34
C ASN A 196 -9.14 0.65 -3.13
N SER A 197 -9.66 0.45 -1.92
CA SER A 197 -8.88 0.72 -0.71
C SER A 197 -7.62 -0.16 -0.66
N VAL A 198 -6.60 0.36 0.02
CA VAL A 198 -5.35 -0.38 0.21
C VAL A 198 -5.61 -1.41 1.30
N GLY A 199 -5.63 -2.68 0.92
CA GLY A 199 -6.21 -3.72 1.76
C GLY A 199 -5.47 -4.02 3.05
N ASN A 200 -6.25 -4.36 4.07
CA ASN A 200 -5.73 -5.00 5.27
C ASN A 200 -4.62 -4.23 5.96
N GLY A 201 -4.84 -2.92 6.09
CA GLY A 201 -4.09 -2.09 7.03
C GLY A 201 -4.61 -2.26 8.45
N LEU A 202 -3.92 -1.68 9.42
CA LEU A 202 -4.29 -1.83 10.83
C LEU A 202 -4.04 -0.53 11.56
N VAL A 203 -5.11 0.07 12.08
CA VAL A 203 -4.99 1.28 12.88
C VAL A 203 -5.14 0.87 14.35
N ILE A 204 -4.25 1.37 15.19
CA ILE A 204 -4.23 1.11 16.62
C ILE A 204 -4.26 2.42 17.36
N ASP A 205 -5.11 2.50 18.37
CA ASP A 205 -5.22 3.65 19.25
C ASP A 205 -4.26 3.50 20.43
N ALA A 206 -3.35 4.46 20.57
CA ALA A 206 -2.33 4.37 21.62
C ALA A 206 -2.88 4.43 23.03
N GLU A 207 -3.88 5.27 23.27
CA GLU A 207 -4.41 5.42 24.61
C GLU A 207 -5.09 4.12 25.08
N SER A 208 -5.98 3.57 24.26
CA SER A 208 -6.72 2.38 24.64
C SER A 208 -5.95 1.08 24.35
N GLU A 209 -4.86 1.19 23.59
CA GLU A 209 -4.04 0.03 23.19
C GLU A 209 -4.85 -0.99 22.39
N SER A 210 -5.83 -0.47 21.65
CA SER A 210 -6.80 -1.31 20.95
CA SER A 210 -6.79 -1.31 20.94
C SER A 210 -6.89 -0.94 19.46
N VAL A 211 -7.20 -1.93 18.64
CA VAL A 211 -7.57 -1.67 17.25
C VAL A 211 -8.87 -0.86 17.26
N VAL A 212 -9.16 -0.19 16.15
CA VAL A 212 -10.28 0.77 16.13
C VAL A 212 -11.53 0.26 15.40
N ILE A 213 -11.39 -0.84 14.67
CA ILE A 213 -12.56 -1.48 14.08
C ILE A 213 -12.65 -2.93 14.54
N LYS A 214 -13.88 -3.45 14.58
CA LYS A 214 -14.15 -4.77 15.15
C LYS A 214 -13.87 -5.96 14.21
N PRO A 215 -14.29 -5.88 12.94
CA PRO A 215 -14.10 -7.07 12.09
C PRO A 215 -12.63 -7.43 11.89
N LYS A 216 -12.38 -8.71 11.66
CA LYS A 216 -11.07 -9.21 11.24
C LYS A 216 -9.93 -8.70 12.12
N GLN A 217 -10.15 -8.70 13.44
CA GLN A 217 -9.11 -8.33 14.41
C GLN A 217 -8.51 -6.95 14.12
N GLY A 218 -9.31 -6.08 13.52
CA GLY A 218 -8.90 -4.70 13.27
C GLY A 218 -8.39 -4.39 11.87
N PHE A 219 -8.26 -5.42 11.03
CA PHE A 219 -7.68 -5.28 9.69
C PHE A 219 -8.74 -4.78 8.70
N GLY A 220 -8.43 -3.69 8.01
CA GLY A 220 -9.39 -3.07 7.10
C GLY A 220 -8.70 -2.29 6.00
N GLY A 221 -9.48 -1.91 4.98
CA GLY A 221 -8.94 -1.20 3.83
C GLY A 221 -8.72 0.27 4.13
N LEU A 222 -7.60 0.79 3.64
CA LEU A 222 -7.22 2.19 3.87
C LEU A 222 -7.62 3.09 2.72
N GLY A 223 -8.11 4.27 3.07
CA GLY A 223 -8.38 5.31 2.09
C GLY A 223 -7.89 6.66 2.59
N GLY A 224 -7.96 7.67 1.71
CA GLY A 224 -7.61 9.04 2.08
C GLY A 224 -6.17 9.40 1.81
N LYS A 225 -5.62 10.29 2.63
CA LYS A 225 -4.29 10.86 2.38
C LYS A 225 -3.18 9.80 2.33
N TYR A 226 -3.35 8.72 3.10
CA TYR A 226 -2.39 7.63 3.11
C TYR A 226 -2.10 7.11 1.71
N ILE A 227 -3.11 7.14 0.83
CA ILE A 227 -3.05 6.33 -0.38
C ILE A 227 -2.86 7.10 -1.69
N LEU A 228 -2.74 8.41 -1.62
CA LEU A 228 -2.67 9.21 -2.86
C LEU A 228 -1.53 8.79 -3.81
N PRO A 229 -0.27 8.73 -3.32
CA PRO A 229 0.78 8.29 -4.26
C PRO A 229 0.59 6.89 -4.84
N THR A 230 0.04 5.97 -4.04
CA THR A 230 -0.32 4.66 -4.55
C THR A 230 -1.39 4.74 -5.64
N ALA A 231 -2.42 5.54 -5.39
CA ALA A 231 -3.49 5.71 -6.36
C ALA A 231 -2.98 6.32 -7.66
N LEU A 232 -2.17 7.38 -7.56
CA LEU A 232 -1.61 8.01 -8.75
C LEU A 232 -0.77 7.03 -9.57
N ALA A 233 0.05 6.22 -8.88
CA ALA A 233 0.87 5.23 -9.56
C ALA A 233 0.01 4.25 -10.35
N ASN A 234 -1.07 3.78 -9.72
CA ASN A 234 -1.94 2.82 -10.38
C ASN A 234 -2.68 3.43 -11.56
N VAL A 235 -3.21 4.64 -11.37
CA VAL A 235 -3.84 5.37 -12.47
C VAL A 235 -2.88 5.47 -13.67
N ASN A 236 -1.66 5.94 -13.40
CA ASN A 236 -0.72 6.14 -14.47
C ASN A 236 -0.24 4.83 -15.10
N ALA A 237 -0.05 3.79 -14.27
CA ALA A 237 0.40 2.50 -14.77
C ALA A 237 -0.60 1.92 -15.76
N PHE A 238 -1.87 1.98 -15.41
CA PHE A 238 -2.91 1.50 -16.31
C PHE A 238 -3.18 2.42 -17.48
N TYR A 239 -3.06 3.73 -17.27
CA TYR A 239 -3.19 4.66 -18.38
C TYR A 239 -2.16 4.38 -19.46
N ARG A 240 -0.92 4.10 -19.04
CA ARG A 240 0.17 3.79 -19.97
C ARG A 240 -0.05 2.44 -20.67
N ARG A 241 -0.55 1.45 -19.94
CA ARG A 241 -0.65 0.08 -20.44
C ARG A 241 -1.95 -0.26 -21.15
N CYS A 242 -2.98 0.56 -20.96
CA CYS A 242 -4.29 0.33 -21.58
C CYS A 242 -4.68 1.54 -22.43
N PRO A 243 -3.92 1.80 -23.51
CA PRO A 243 -4.17 3.03 -24.29
C PRO A 243 -5.54 3.08 -24.96
N ASP A 244 -6.20 1.93 -25.13
CA ASP A 244 -7.53 1.88 -25.76
C ASP A 244 -8.68 1.81 -24.76
N LYS A 245 -8.40 2.02 -23.48
CA LYS A 245 -9.42 2.07 -22.43
C LYS A 245 -9.35 3.40 -21.68
N LEU A 246 -10.41 3.72 -20.96
CA LEU A 246 -10.41 4.85 -20.04
C LEU A 246 -9.95 4.38 -18.66
N VAL A 247 -9.30 5.28 -17.93
CA VAL A 247 -8.95 5.04 -16.54
C VAL A 247 -9.69 6.07 -15.70
N PHE A 248 -10.35 5.58 -14.64
CA PHE A 248 -10.99 6.47 -13.66
C PHE A 248 -10.09 6.45 -12.43
N GLY A 249 -9.83 7.64 -11.87
CA GLY A 249 -8.97 7.73 -10.69
C GLY A 249 -9.78 7.75 -9.42
N CYS A 250 -9.29 7.03 -8.41
CA CYS A 250 -9.91 7.01 -7.10
C CYS A 250 -8.80 6.81 -6.09
N GLY A 251 -8.79 7.63 -5.06
CA GLY A 251 -7.85 7.45 -3.96
C GLY A 251 -7.19 8.76 -3.57
N GLY A 252 -7.46 9.19 -2.35
CA GLY A 252 -6.76 10.33 -1.79
C GLY A 252 -7.16 11.70 -2.29
N VAL A 253 -8.35 11.82 -2.91
CA VAL A 253 -8.78 13.13 -3.41
C VAL A 253 -9.50 13.93 -2.32
N TYR A 254 -8.90 15.05 -1.92
CA TYR A 254 -9.50 15.99 -0.96
C TYR A 254 -9.65 17.39 -1.54
N SER A 255 -8.99 17.64 -2.67
CA SER A 255 -8.92 18.99 -3.22
C SER A 255 -8.89 18.97 -4.74
N GLY A 256 -9.12 20.14 -5.33
CA GLY A 256 -8.98 20.30 -6.78
C GLY A 256 -7.57 19.98 -7.24
N GLU A 257 -6.59 20.28 -6.39
CA GLU A 257 -5.20 19.96 -6.72
C GLU A 257 -4.97 18.46 -6.81
N ASP A 258 -5.54 17.70 -5.88
CA ASP A 258 -5.44 16.24 -5.90
C ASP A 258 -6.10 15.68 -7.16
N ALA A 259 -7.27 16.23 -7.52
CA ALA A 259 -7.95 15.85 -8.75
C ALA A 259 -7.11 16.16 -9.98
N PHE A 260 -6.47 17.33 -9.97
CA PHE A 260 -5.58 17.75 -11.04
C PHE A 260 -4.45 16.72 -11.22
N LEU A 261 -3.86 16.26 -10.11
CA LEU A 261 -2.84 15.22 -10.17
C LEU A 261 -3.36 13.92 -10.79
N HIS A 262 -4.55 13.50 -10.37
CA HIS A 262 -5.16 12.28 -10.94
C HIS A 262 -5.33 12.41 -12.45
N ILE A 263 -5.82 13.57 -12.89
CA ILE A 263 -6.04 13.79 -14.32
C ILE A 263 -4.70 13.84 -15.08
N LEU A 264 -3.71 14.54 -14.52
CA LEU A 264 -2.36 14.51 -15.11
C LEU A 264 -1.84 13.09 -15.28
N ALA A 265 -2.15 12.23 -14.30
CA ALA A 265 -1.72 10.83 -14.33
C ALA A 265 -2.48 10.00 -15.36
N GLY A 266 -3.64 10.51 -15.80
CA GLY A 266 -4.43 9.85 -16.84
C GLY A 266 -5.92 9.69 -16.58
N ALA A 267 -6.41 10.13 -15.41
CA ALA A 267 -7.81 9.93 -15.07
C ALA A 267 -8.81 10.69 -15.94
N SER A 268 -9.86 10.00 -16.36
CA SER A 268 -10.99 10.59 -17.09
C SER A 268 -12.06 11.09 -16.11
N MET A 269 -12.54 10.20 -15.26
CA MET A 269 -13.37 10.58 -14.11
C MET A 269 -12.52 10.48 -12.86
N VAL A 270 -12.90 11.26 -11.85
CA VAL A 270 -12.21 11.28 -10.56
C VAL A 270 -13.24 11.00 -9.47
N GLN A 271 -13.00 9.94 -8.70
CA GLN A 271 -13.95 9.52 -7.67
C GLN A 271 -13.45 9.95 -6.31
N VAL A 272 -14.40 10.20 -5.40
CA VAL A 272 -14.11 10.75 -4.09
C VAL A 272 -14.76 9.86 -3.02
N GLY A 273 -13.94 9.26 -2.15
CA GLY A 273 -14.42 8.35 -1.12
C GLY A 273 -14.36 8.97 0.25
N THR A 274 -13.24 8.72 0.94
CA THR A 274 -13.02 9.22 2.30
C THR A 274 -13.39 10.69 2.47
N ALA A 275 -12.90 11.56 1.58
CA ALA A 275 -13.14 12.99 1.75
C ALA A 275 -14.63 13.31 1.68
N LEU A 276 -15.36 12.60 0.83
CA LEU A 276 -16.81 12.76 0.70
C LEU A 276 -17.54 12.23 1.94
N GLN A 277 -17.08 11.08 2.44
CA GLN A 277 -17.65 10.54 3.67
C GLN A 277 -17.50 11.53 4.82
N GLU A 278 -16.38 12.22 4.86
CA GLU A 278 -16.09 13.14 5.98
C GLU A 278 -16.72 14.53 5.80
N GLU A 279 -16.71 15.05 4.58
CA GLU A 279 -17.16 16.43 4.32
C GLU A 279 -18.63 16.53 3.87
N GLY A 280 -19.14 15.47 3.24
CA GLY A 280 -20.49 15.50 2.69
C GLY A 280 -20.49 16.03 1.27
N PRO A 281 -21.68 16.01 0.62
CA PRO A 281 -21.77 16.27 -0.81
C PRO A 281 -21.47 17.71 -1.24
N GLY A 282 -21.40 18.64 -0.28
CA GLY A 282 -20.90 19.98 -0.59
C GLY A 282 -19.50 19.96 -1.18
N ILE A 283 -18.73 18.91 -0.90
CA ILE A 283 -17.37 18.80 -1.42
C ILE A 283 -17.31 18.99 -2.94
N PHE A 284 -18.36 18.57 -3.64
CA PHE A 284 -18.30 18.61 -5.11
C PHE A 284 -18.24 20.03 -5.67
N THR A 285 -18.92 21.00 -5.06
CA THR A 285 -18.80 22.38 -5.54
C THR A 285 -17.40 22.93 -5.28
N ARG A 286 -16.82 22.57 -4.13
CA ARG A 286 -15.48 23.01 -3.78
C ARG A 286 -14.45 22.40 -4.74
N LEU A 287 -14.56 21.10 -5.01
CA LEU A 287 -13.61 20.44 -5.91
C LEU A 287 -13.64 21.05 -7.31
N GLU A 288 -14.85 21.32 -7.82
CA GLU A 288 -15.02 21.93 -9.13
C GLU A 288 -14.39 23.32 -9.16
N ASP A 289 -14.69 24.15 -8.16
CA ASP A 289 -14.13 25.50 -8.06
C ASP A 289 -12.61 25.47 -8.03
N GLU A 290 -12.05 24.59 -7.20
CA GLU A 290 -10.61 24.48 -7.05
C GLU A 290 -9.91 23.98 -8.32
N LEU A 291 -10.51 23.01 -9.00
CA LEU A 291 -9.93 22.49 -10.23
C LEU A 291 -9.93 23.57 -11.32
N LEU A 292 -11.04 24.28 -11.45
CA LEU A 292 -11.14 25.37 -12.43
C LEU A 292 -10.13 26.49 -12.14
N GLU A 293 -9.88 26.78 -10.87
CA GLU A 293 -8.91 27.81 -10.49
C GLU A 293 -7.49 27.42 -10.92
N ILE A 294 -7.11 26.18 -10.66
CA ILE A 294 -5.79 25.68 -11.05
C ILE A 294 -5.65 25.71 -12.57
N MET A 295 -6.70 25.29 -13.27
CA MET A 295 -6.69 25.31 -14.73
C MET A 295 -6.51 26.74 -15.24
N ALA A 296 -7.25 27.68 -14.68
CA ALA A 296 -7.16 29.10 -15.10
C ALA A 296 -5.77 29.67 -14.87
N ARG A 297 -5.18 29.37 -13.71
CA ARG A 297 -3.83 29.84 -13.36
C ARG A 297 -2.79 29.33 -14.35
N LYS A 298 -2.98 28.11 -14.83
CA LYS A 298 -2.05 27.45 -15.76
C LYS A 298 -2.37 27.70 -17.24
N GLY A 299 -3.52 28.30 -17.51
CA GLY A 299 -3.92 28.56 -18.89
C GLY A 299 -4.49 27.36 -19.63
N TYR A 300 -4.98 26.38 -18.87
CA TYR A 300 -5.67 25.24 -19.48
C TYR A 300 -7.15 25.55 -19.65
N ARG A 301 -7.68 25.29 -20.84
CA ARG A 301 -9.10 25.53 -21.14
C ARG A 301 -9.93 24.25 -21.10
N THR A 302 -9.29 23.10 -21.25
CA THR A 302 -9.98 21.80 -21.30
C THR A 302 -9.22 20.77 -20.48
N LEU A 303 -9.91 19.70 -20.07
CA LEU A 303 -9.26 18.60 -19.38
C LEU A 303 -8.32 17.84 -20.31
N GLU A 304 -8.71 17.72 -21.59
CA GLU A 304 -7.89 17.02 -22.60
C GLU A 304 -6.51 17.63 -22.79
N GLU A 305 -6.38 18.94 -22.53
CA GLU A 305 -5.10 19.62 -22.66
C GLU A 305 -4.02 19.06 -21.75
N PHE A 306 -4.41 18.50 -20.60
CA PHE A 306 -3.41 17.97 -19.66
C PHE A 306 -3.63 16.52 -19.20
N ARG A 307 -4.72 15.87 -19.60
CA ARG A 307 -4.95 14.51 -19.16
C ARG A 307 -3.82 13.61 -19.64
N GLY A 308 -3.23 12.89 -18.69
CA GLY A 308 -2.15 11.94 -18.99
C GLY A 308 -0.83 12.58 -19.35
N ARG A 309 -0.73 13.90 -19.18
CA ARG A 309 0.46 14.64 -19.61
C ARG A 309 1.48 14.89 -18.49
N VAL A 310 1.42 14.10 -17.42
CA VAL A 310 2.46 14.14 -16.40
C VAL A 310 3.83 14.02 -17.07
N LYS A 311 4.76 14.89 -16.68
CA LYS A 311 6.11 14.87 -17.24
C LYS A 311 7.03 13.94 -16.45
N THR A 312 7.89 13.23 -17.16
CA THR A 312 8.94 12.47 -16.52
C THR A 312 10.27 13.21 -16.65
N ILE A 313 11.28 12.79 -15.90
CA ILE A 313 12.58 13.47 -15.90
C ILE A 313 13.55 12.77 -16.84
N MET B 2 12.19 1.57 35.23
CA MET B 2 11.74 1.57 33.80
C MET B 2 12.93 1.40 32.87
N CYS B 3 12.81 0.50 31.90
CA CYS B 3 13.91 0.31 30.96
C CYS B 3 13.52 -0.21 29.59
N LEU B 4 14.35 0.16 28.62
CA LEU B 4 14.15 -0.19 27.22
C LEU B 4 15.03 -1.34 26.77
N LYS B 5 15.75 -1.96 27.69
CA LYS B 5 16.70 -3.03 27.37
C LYS B 5 16.00 -4.23 26.73
N LEU B 6 16.67 -4.86 25.77
CA LEU B 6 16.23 -6.14 25.20
C LEU B 6 17.40 -7.09 25.17
N ASN B 7 17.10 -8.38 25.27
CA ASN B 7 18.08 -9.43 25.12
C ASN B 7 17.46 -10.42 24.16
N LEU B 8 17.98 -10.46 22.94
CA LEU B 8 17.46 -11.35 21.90
C LEU B 8 18.55 -11.71 20.91
N LEU B 9 18.37 -12.87 20.26
CA LEU B 9 19.33 -13.37 19.28
C LEU B 9 20.74 -13.50 19.91
N ASP B 10 20.80 -13.76 21.22
CA ASP B 10 22.06 -13.90 21.96
C ASP B 10 22.89 -12.60 21.98
N HIS B 11 22.21 -11.47 21.86
CA HIS B 11 22.81 -10.14 21.97
C HIS B 11 22.01 -9.30 22.94
N VAL B 12 22.66 -8.27 23.47
CA VAL B 12 22.02 -7.32 24.37
C VAL B 12 21.92 -5.97 23.67
N PHE B 13 20.74 -5.35 23.80
CA PHE B 13 20.45 -4.07 23.15
C PHE B 13 20.01 -3.09 24.22
N ALA B 14 20.58 -1.89 24.20
CA ALA B 14 20.25 -0.85 25.18
C ALA B 14 18.81 -0.36 25.03
N ASN B 15 18.30 -0.43 23.81
CA ASN B 15 16.94 0.01 23.49
C ASN B 15 16.56 -0.61 22.14
N PRO B 16 15.27 -0.58 21.78
CA PRO B 16 14.84 -1.27 20.55
C PRO B 16 15.13 -0.53 19.23
N PHE B 17 15.70 0.67 19.29
CA PHE B 17 15.77 1.50 18.09
C PHE B 17 17.00 1.24 17.25
N MET B 18 16.81 1.26 15.93
CA MET B 18 17.92 1.17 14.98
C MET B 18 17.53 1.88 13.71
N ASN B 19 18.52 2.14 12.85
CA ASN B 19 18.19 2.64 11.52
C ASN B 19 17.51 1.54 10.71
N ALA B 20 16.70 1.96 9.75
CA ALA B 20 16.22 1.08 8.70
C ALA B 20 17.33 0.89 7.68
N ALA B 21 17.47 -0.31 7.13
CA ALA B 21 18.52 -0.54 6.15
C ALA B 21 18.40 0.49 5.03
N GLY B 22 19.55 0.99 4.61
CA GLY B 22 19.62 1.96 3.53
C GLY B 22 19.74 3.40 3.98
N VAL B 23 19.34 3.68 5.22
CA VAL B 23 19.39 5.04 5.76
C VAL B 23 20.59 5.18 6.71
N LEU B 24 21.45 6.14 6.40
CA LEU B 24 22.63 6.48 7.21
C LEU B 24 23.52 5.25 7.49
N CYS B 25 23.87 4.52 6.44
CA CYS B 25 24.59 3.27 6.65
C CYS B 25 25.33 2.76 5.41
N SER B 26 25.67 3.66 4.49
CA SER B 26 26.32 3.23 3.24
C SER B 26 27.84 3.31 3.27
N THR B 27 28.37 4.33 3.94
CA THR B 27 29.81 4.55 4.02
C THR B 27 30.34 4.24 5.41
N GLU B 28 31.67 4.15 5.53
CA GLU B 28 32.29 3.99 6.84
C GLU B 28 31.88 5.15 7.75
N GLU B 29 31.90 6.37 7.21
CA GLU B 29 31.46 7.56 7.95
C GLU B 29 30.02 7.39 8.51
N ASP B 30 29.11 6.92 7.67
CA ASP B 30 27.72 6.70 8.07
C ASP B 30 27.63 5.69 9.22
N LEU B 31 28.34 4.59 9.06
CA LEU B 31 28.30 3.52 10.07
C LEU B 31 28.89 3.95 11.39
N ARG B 32 29.98 4.72 11.34
CA ARG B 32 30.56 5.28 12.57
CA ARG B 32 30.56 5.31 12.56
C ARG B 32 29.59 6.26 13.24
N CYS B 33 28.87 7.04 12.43
CA CYS B 33 27.86 7.96 12.93
C CYS B 33 26.73 7.21 13.64
N MET B 34 26.20 6.18 12.98
CA MET B 34 25.17 5.34 13.62
C MET B 34 25.69 4.68 14.89
N THR B 35 26.94 4.24 14.89
CA THR B 35 27.51 3.63 16.07
C THR B 35 27.61 4.64 17.22
N ALA B 36 27.96 5.88 16.89
CA ALA B 36 28.08 6.96 17.88
C ALA B 36 26.73 7.44 18.43
N SER B 37 25.65 7.13 17.71
CA SER B 37 24.31 7.57 18.12
C SER B 37 23.79 6.78 19.30
N SER B 38 22.61 7.16 19.80
CA SER B 38 22.02 6.49 20.95
CA SER B 38 22.00 6.50 20.94
C SER B 38 21.18 5.28 20.54
N SER B 39 21.19 4.92 19.25
CA SER B 39 20.45 3.75 18.80
C SER B 39 20.92 2.47 19.51
N GLY B 40 20.01 1.51 19.66
CA GLY B 40 20.33 0.22 20.25
C GLY B 40 21.11 -0.72 19.34
N ALA B 41 21.00 -0.48 18.03
CA ALA B 41 21.73 -1.29 17.04
C ALA B 41 21.87 -0.50 15.75
N LEU B 42 22.53 -1.10 14.75
CA LEU B 42 22.56 -0.52 13.42
C LEU B 42 22.61 -1.64 12.40
N VAL B 43 22.16 -1.32 11.19
CA VAL B 43 22.21 -2.24 10.06
C VAL B 43 22.89 -1.53 8.89
N SER B 44 23.73 -2.26 8.16
CA SER B 44 24.40 -1.70 6.99
C SER B 44 23.51 -1.68 5.74
N LYS B 45 23.83 -0.80 4.79
CA LYS B 45 23.15 -0.70 3.50
C LYS B 45 23.06 -2.07 2.81
N SER B 46 21.90 -2.41 2.25
CA SER B 46 21.79 -3.64 1.47
C SER B 46 22.84 -3.65 0.38
N CYS B 47 23.65 -4.71 0.36
CA CYS B 47 24.77 -4.74 -0.56
C CYS B 47 24.65 -5.84 -1.60
N THR B 48 25.43 -5.65 -2.66
CA THR B 48 25.55 -6.60 -3.75
C THR B 48 27.01 -7.03 -3.83
N SER B 49 27.30 -8.08 -4.61
CA SER B 49 28.67 -8.60 -4.71
CA SER B 49 28.67 -8.60 -4.71
C SER B 49 29.66 -7.53 -5.16
N ALA B 50 29.27 -6.77 -6.18
CA ALA B 50 30.08 -5.69 -6.71
C ALA B 50 29.53 -4.34 -6.25
N PRO B 51 30.39 -3.32 -6.16
CA PRO B 51 29.90 -1.96 -5.89
C PRO B 51 28.89 -1.53 -6.95
N ARG B 52 27.93 -0.70 -6.56
CA ARG B 52 26.89 -0.17 -7.48
C ARG B 52 26.76 1.33 -7.32
N ASP B 53 26.63 2.04 -8.46
CA ASP B 53 26.34 3.47 -8.46
C ASP B 53 24.87 3.73 -8.14
N GLY B 54 24.01 2.77 -8.44
CA GLY B 54 22.57 2.95 -8.26
C GLY B 54 21.91 3.66 -9.43
N ASN B 55 20.63 3.99 -9.23
CA ASN B 55 19.80 4.64 -10.26
C ASN B 55 20.14 6.12 -10.43
N PRO B 56 19.73 6.73 -11.57
CA PRO B 56 20.01 8.16 -11.78
C PRO B 56 19.30 9.11 -10.80
N GLU B 57 19.98 10.21 -10.47
CA GLU B 57 19.43 11.25 -9.59
CA GLU B 57 19.47 11.28 -9.61
C GLU B 57 18.58 12.26 -10.36
N PRO B 58 17.56 12.86 -9.69
CA PRO B 58 17.14 12.71 -8.29
C PRO B 58 16.43 11.39 -8.05
N ARG B 59 16.71 10.76 -6.91
CA ARG B 59 16.20 9.42 -6.64
C ARG B 59 15.62 9.26 -5.22
N TYR B 60 15.65 10.34 -4.44
CA TYR B 60 14.98 10.38 -3.13
C TYR B 60 14.37 11.75 -2.96
N MET B 61 13.10 11.79 -2.54
CA MET B 61 12.44 13.06 -2.21
C MET B 61 11.56 12.86 -0.99
N ALA B 62 11.61 13.82 -0.07
CA ALA B 62 10.78 13.77 1.14
C ALA B 62 9.77 14.92 1.18
N PHE B 63 8.66 14.64 1.87
CA PHE B 63 7.51 15.53 1.95
C PHE B 63 6.91 15.42 3.34
N PRO B 64 5.96 16.31 3.68
CA PRO B 64 5.36 16.24 5.01
C PRO B 64 4.84 14.85 5.39
N LEU B 65 4.28 14.11 4.44
CA LEU B 65 3.70 12.81 4.76
C LEU B 65 4.62 11.60 4.54
N GLY B 66 5.82 11.83 4.03
CA GLY B 66 6.78 10.73 3.92
C GLY B 66 7.75 10.92 2.77
N SER B 67 8.21 9.80 2.22
CA SER B 67 9.24 9.86 1.20
C SER B 67 8.95 8.92 0.05
N ILE B 68 9.59 9.20 -1.08
CA ILE B 68 9.62 8.30 -2.21
C ILE B 68 11.07 8.09 -2.61
N ASN B 69 11.45 6.86 -2.91
CA ASN B 69 12.82 6.60 -3.33
C ASN B 69 12.91 5.55 -4.41
N SER B 70 13.85 5.74 -5.33
CA SER B 70 14.28 4.67 -6.20
C SER B 70 15.81 4.67 -6.26
N MET B 71 16.44 4.37 -5.12
CA MET B 71 17.89 4.46 -5.04
C MET B 71 18.59 3.52 -6.01
N GLY B 72 18.11 2.28 -6.09
CA GLY B 72 18.70 1.30 -7.00
C GLY B 72 19.89 0.56 -6.41
N LEU B 73 19.88 0.36 -5.09
CA LEU B 73 20.94 -0.34 -4.37
C LEU B 73 22.35 0.22 -4.60
N PRO B 74 22.50 1.56 -4.49
CA PRO B 74 23.88 2.09 -4.52
C PRO B 74 24.57 1.60 -3.27
N ASN B 75 25.76 1.02 -3.41
CA ASN B 75 26.47 0.49 -2.26
C ASN B 75 27.93 0.28 -2.59
N LEU B 76 28.75 0.20 -1.56
CA LEU B 76 30.20 0.07 -1.73
C LEU B 76 30.66 -1.35 -2.04
N GLY B 77 29.74 -2.29 -2.13
CA GLY B 77 30.08 -3.69 -2.44
C GLY B 77 30.21 -4.52 -1.18
N PHE B 78 29.87 -5.80 -1.29
CA PHE B 78 29.95 -6.73 -0.18
C PHE B 78 31.32 -6.75 0.51
N ASP B 79 32.41 -6.70 -0.26
CA ASP B 79 33.75 -6.76 0.34
C ASP B 79 33.88 -5.69 1.43
N PHE B 80 33.39 -4.48 1.14
CA PHE B 80 33.46 -3.40 2.10
C PHE B 80 32.65 -3.66 3.38
N TYR B 81 31.39 -4.09 3.23
CA TYR B 81 30.55 -4.30 4.41
C TYR B 81 31.05 -5.47 5.25
N LEU B 82 31.58 -6.49 4.57
CA LEU B 82 32.22 -7.61 5.26
C LEU B 82 33.44 -7.16 6.06
N LYS B 83 34.26 -6.31 5.46
CA LYS B 83 35.44 -5.76 6.13
C LYS B 83 35.02 -4.90 7.33
N TYR B 84 33.98 -4.10 7.15
CA TYR B 84 33.46 -3.31 8.24
C TYR B 84 33.09 -4.22 9.43
N ALA B 85 32.32 -5.26 9.15
CA ALA B 85 31.89 -6.20 10.20
C ALA B 85 33.08 -6.95 10.84
N SER B 86 34.09 -7.26 10.05
CA SER B 86 35.24 -8.05 10.49
CA SER B 86 35.22 -8.06 10.51
C SER B 86 36.25 -7.24 11.29
N ASP B 87 36.54 -6.04 10.80
CA ASP B 87 37.70 -5.28 11.28
C ASP B 87 37.40 -3.95 11.95
N LEU B 88 36.28 -3.33 11.56
CA LEU B 88 36.08 -1.92 11.90
C LEU B 88 35.01 -1.66 12.94
N HIS B 89 33.96 -2.48 12.96
CA HIS B 89 32.88 -2.23 13.90
C HIS B 89 33.28 -2.48 15.35
N ASP B 90 32.89 -1.55 16.22
CA ASP B 90 33.07 -1.71 17.64
C ASP B 90 31.84 -2.38 18.27
N TYR B 91 31.90 -3.69 18.40
CA TYR B 91 30.80 -4.47 18.98
C TYR B 91 30.55 -4.16 20.47
N SER B 92 31.53 -3.54 21.13
CA SER B 92 31.33 -3.10 22.52
C SER B 92 30.30 -1.98 22.61
N LYS B 93 30.06 -1.29 21.50
CA LYS B 93 29.10 -0.18 21.48
C LYS B 93 27.67 -0.67 21.29
N LYS B 94 27.45 -1.52 20.29
CA LYS B 94 26.11 -2.04 19.97
C LYS B 94 26.21 -3.14 18.92
N PRO B 95 25.20 -4.01 18.84
CA PRO B 95 25.18 -5.02 17.77
C PRO B 95 25.03 -4.46 16.35
N LEU B 96 25.57 -5.21 15.40
CA LEU B 96 25.55 -4.88 13.98
C LEU B 96 24.78 -5.94 13.21
N PHE B 97 23.87 -5.47 12.35
CA PHE B 97 23.23 -6.29 11.34
C PHE B 97 23.83 -5.92 9.97
N LEU B 98 23.98 -6.92 9.11
CA LEU B 98 24.48 -6.70 7.75
C LEU B 98 23.39 -7.15 6.79
N SER B 99 22.95 -6.22 5.94
CA SER B 99 21.89 -6.50 4.98
C SER B 99 22.48 -6.86 3.63
N ILE B 100 21.98 -7.92 3.02
CA ILE B 100 22.37 -8.25 1.64
C ILE B 100 21.16 -8.27 0.73
N SER B 101 21.35 -7.82 -0.51
CA SER B 101 20.30 -7.81 -1.51
C SER B 101 20.83 -8.17 -2.89
N GLY B 102 21.35 -9.38 -3.03
CA GLY B 102 21.81 -9.88 -4.33
C GLY B 102 20.67 -9.85 -5.33
N LEU B 103 21.03 -9.76 -6.61
CA LEU B 103 20.04 -9.67 -7.69
C LEU B 103 19.61 -11.03 -8.23
N SER B 104 20.12 -12.09 -7.60
CA SER B 104 19.78 -13.47 -7.93
C SER B 104 20.05 -14.32 -6.71
N VAL B 105 19.51 -15.53 -6.69
CA VAL B 105 19.77 -16.43 -5.58
C VAL B 105 21.26 -16.78 -5.50
N GLU B 106 21.88 -16.94 -6.67
CA GLU B 106 23.30 -17.27 -6.76
C GLU B 106 24.18 -16.19 -6.11
N GLU B 107 23.83 -14.92 -6.34
CA GLU B 107 24.58 -13.81 -5.76
C GLU B 107 24.47 -13.79 -4.23
N ASN B 108 23.26 -14.00 -3.71
CA ASN B 108 23.07 -14.11 -2.27
C ASN B 108 23.84 -15.26 -1.64
N VAL B 109 23.79 -16.42 -2.27
CA VAL B 109 24.51 -17.60 -1.81
C VAL B 109 26.02 -17.32 -1.75
N ALA B 110 26.56 -16.68 -2.78
CA ALA B 110 27.98 -16.32 -2.84
C ALA B 110 28.37 -15.46 -1.64
N MET B 111 27.53 -14.49 -1.30
CA MET B 111 27.81 -13.58 -0.20
C MET B 111 27.73 -14.30 1.13
N VAL B 112 26.68 -15.09 1.35
CA VAL B 112 26.52 -15.73 2.67
C VAL B 112 27.61 -16.75 2.98
N ARG B 113 28.13 -17.42 1.95
CA ARG B 113 29.24 -18.35 2.12
C ARG B 113 30.45 -17.65 2.73
N ARG B 114 30.67 -16.41 2.33
CA ARG B 114 31.79 -15.61 2.85
C ARG B 114 31.47 -14.91 4.16
N LEU B 115 30.18 -14.62 4.38
CA LEU B 115 29.77 -13.97 5.63
C LEU B 115 29.82 -14.94 6.82
N ALA B 116 29.49 -16.20 6.57
CA ALA B 116 29.40 -17.17 7.67
C ALA B 116 30.56 -17.19 8.68
N PRO B 117 31.83 -17.30 8.23
CA PRO B 117 32.90 -17.30 9.25
C PRO B 117 33.00 -16.00 10.06
N VAL B 118 32.63 -14.88 9.45
CA VAL B 118 32.65 -13.61 10.17
C VAL B 118 31.50 -13.50 11.17
N ALA B 119 30.32 -13.98 10.78
CA ALA B 119 29.19 -14.07 11.70
C ALA B 119 29.52 -14.96 12.89
N GLN B 120 30.16 -16.09 12.63
CA GLN B 120 30.58 -17.00 13.69
C GLN B 120 31.57 -16.36 14.66
N GLU B 121 32.55 -15.63 14.12
CA GLU B 121 33.59 -15.01 14.93
C GLU B 121 33.13 -13.74 15.65
N LYS B 122 32.43 -12.86 14.94
CA LYS B 122 32.12 -11.53 15.45
C LYS B 122 30.68 -11.34 15.96
N GLY B 123 29.76 -12.19 15.50
CA GLY B 123 28.37 -12.12 15.93
C GLY B 123 27.52 -11.15 15.13
N VAL B 124 28.04 -10.66 14.00
CA VAL B 124 27.25 -9.85 13.06
C VAL B 124 26.04 -10.67 12.61
N LEU B 125 24.89 -10.02 12.51
CA LEU B 125 23.62 -10.69 12.19
C LEU B 125 23.15 -10.37 10.78
N LEU B 126 22.87 -11.42 9.99
CA LEU B 126 22.42 -11.25 8.61
C LEU B 126 20.95 -10.86 8.50
N GLU B 127 20.67 -9.81 7.73
CA GLU B 127 19.31 -9.50 7.27
C GLU B 127 19.26 -9.69 5.76
N LEU B 128 18.51 -10.69 5.32
CA LEU B 128 18.37 -10.99 3.90
C LEU B 128 17.21 -10.19 3.30
N ASN B 129 17.52 -9.31 2.36
CA ASN B 129 16.51 -8.42 1.78
C ASN B 129 15.80 -9.08 0.61
N LEU B 130 14.53 -9.42 0.81
CA LEU B 130 13.73 -10.05 -0.25
C LEU B 130 12.65 -9.10 -0.77
N SER B 131 12.90 -7.80 -0.67
CA SER B 131 11.83 -6.84 -0.93
C SER B 131 12.22 -5.53 -1.58
N CYS B 132 13.41 -5.46 -2.17
CA CYS B 132 13.77 -4.25 -2.91
C CYS B 132 12.81 -4.03 -4.08
N PRO B 133 12.13 -2.87 -4.12
CA PRO B 133 11.19 -2.59 -5.21
C PRO B 133 11.72 -1.66 -6.31
N ASN B 134 13.03 -1.42 -6.34
CA ASN B 134 13.60 -0.32 -7.14
C ASN B 134 14.62 -0.65 -8.23
N VAL B 135 14.98 -1.91 -8.37
CA VAL B 135 15.94 -2.27 -9.42
C VAL B 135 15.12 -2.61 -10.68
N PRO B 136 15.31 -1.83 -11.76
CA PRO B 136 14.54 -2.10 -12.98
C PRO B 136 14.67 -3.56 -13.43
N GLY B 137 13.54 -4.18 -13.74
CA GLY B 137 13.47 -5.55 -14.20
C GLY B 137 13.58 -6.63 -13.14
N LYS B 138 13.64 -6.23 -11.87
CA LYS B 138 13.77 -7.18 -10.75
C LYS B 138 12.64 -7.00 -9.75
N PRO B 139 11.49 -7.68 -9.95
CA PRO B 139 10.39 -7.56 -8.97
C PRO B 139 10.74 -8.08 -7.58
N GLN B 140 10.04 -7.56 -6.57
CA GLN B 140 10.22 -7.98 -5.19
C GLN B 140 10.20 -9.50 -5.06
N VAL B 141 11.29 -10.07 -4.58
CA VAL B 141 11.41 -11.54 -4.50
C VAL B 141 10.24 -12.17 -3.73
N ALA B 142 9.91 -11.58 -2.58
CA ALA B 142 8.88 -12.17 -1.71
C ALA B 142 7.44 -11.92 -2.16
N TYR B 143 7.25 -11.32 -3.33
CA TYR B 143 5.94 -11.35 -3.97
C TYR B 143 5.75 -12.57 -4.88
N ASP B 144 6.79 -13.38 -5.00
CA ASP B 144 6.74 -14.65 -5.72
C ASP B 144 7.11 -15.72 -4.70
N PHE B 145 6.10 -16.43 -4.21
CA PHE B 145 6.31 -17.33 -3.08
C PHE B 145 7.21 -18.51 -3.41
N GLU B 146 7.21 -18.97 -4.66
CA GLU B 146 8.14 -20.04 -5.02
C GLU B 146 9.59 -19.53 -5.06
N ALA B 147 9.81 -18.32 -5.57
CA ALA B 147 11.14 -17.70 -5.53
C ALA B 147 11.60 -17.48 -4.09
N MET B 148 10.69 -16.99 -3.25
CA MET B 148 10.97 -16.79 -1.84
C MET B 148 11.47 -18.08 -1.19
N ARG B 149 10.76 -19.19 -1.42
CA ARG B 149 11.16 -20.48 -0.87
C ARG B 149 12.53 -20.91 -1.38
N THR B 150 12.78 -20.74 -2.68
CA THR B 150 14.08 -21.06 -3.27
C THR B 150 15.22 -20.27 -2.62
N TYR B 151 15.05 -18.95 -2.49
CA TYR B 151 16.06 -18.12 -1.85
C TYR B 151 16.33 -18.57 -0.42
N LEU B 152 15.26 -18.83 0.34
CA LEU B 152 15.42 -19.22 1.74
C LEU B 152 16.06 -20.61 1.90
N GLN B 153 15.69 -21.53 1.02
CA GLN B 153 16.30 -22.85 1.00
C GLN B 153 17.79 -22.76 0.72
N GLN B 154 18.15 -22.03 -0.33
CA GLN B 154 19.55 -21.91 -0.74
CA GLN B 154 19.56 -21.96 -0.72
C GLN B 154 20.41 -21.15 0.26
N VAL B 155 19.87 -20.07 0.79
CA VAL B 155 20.61 -19.29 1.79
C VAL B 155 20.76 -20.08 3.09
N SER B 156 19.70 -20.75 3.53
CA SER B 156 19.79 -21.60 4.73
C SER B 156 20.90 -22.63 4.61
N LEU B 157 21.00 -23.27 3.46
CA LEU B 157 21.93 -24.37 3.25
C LEU B 157 23.37 -23.83 3.17
N ALA B 158 23.56 -22.70 2.48
CA ALA B 158 24.89 -22.12 2.30
C ALA B 158 25.41 -21.38 3.54
N TYR B 159 24.50 -20.83 4.34
CA TYR B 159 24.87 -20.00 5.48
C TYR B 159 24.93 -20.83 6.76
N GLY B 160 23.86 -21.57 7.04
CA GLY B 160 23.83 -22.51 8.16
C GLY B 160 23.78 -21.89 9.54
N LEU B 161 23.51 -20.58 9.58
CA LEU B 161 23.48 -19.81 10.82
C LEU B 161 22.18 -19.03 10.91
N PRO B 162 21.79 -18.58 12.13
CA PRO B 162 20.58 -17.77 12.26
CA PRO B 162 20.58 -17.77 12.26
C PRO B 162 20.63 -16.52 11.41
N PHE B 163 19.51 -16.16 10.80
CA PHE B 163 19.40 -14.93 10.02
C PHE B 163 17.98 -14.41 10.05
N GLY B 164 17.78 -13.23 9.46
CA GLY B 164 16.47 -12.63 9.36
C GLY B 164 16.16 -12.22 7.94
N VAL B 165 14.91 -11.84 7.71
CA VAL B 165 14.42 -11.52 6.37
CA VAL B 165 14.45 -11.50 6.37
C VAL B 165 13.69 -10.18 6.36
N LYS B 166 14.05 -9.30 5.43
CA LYS B 166 13.35 -8.03 5.25
C LYS B 166 12.23 -8.28 4.26
N MET B 167 10.99 -8.14 4.73
CA MET B 167 9.80 -8.49 3.96
C MET B 167 9.11 -7.27 3.31
N PRO B 168 8.47 -7.48 2.16
CA PRO B 168 7.69 -6.41 1.54
C PRO B 168 6.33 -6.37 2.25
N PRO B 169 5.63 -5.23 2.17
CA PRO B 169 4.26 -5.19 2.69
C PRO B 169 3.30 -6.03 1.85
N TYR B 170 2.41 -6.76 2.52
CA TYR B 170 1.30 -7.44 1.86
C TYR B 170 -0.03 -6.76 2.23
N PHE B 171 -1.05 -7.05 1.43
CA PHE B 171 -2.32 -6.33 1.46
C PHE B 171 -3.51 -7.28 1.38
N ASP B 172 -3.23 -8.57 1.52
CA ASP B 172 -4.19 -9.64 1.24
C ASP B 172 -3.98 -10.69 2.35
N ILE B 173 -5.05 -11.07 3.05
CA ILE B 173 -4.95 -12.07 4.11
C ILE B 173 -4.34 -13.38 3.60
N ALA B 174 -4.72 -13.78 2.39
CA ALA B 174 -4.17 -15.00 1.79
C ALA B 174 -2.65 -14.91 1.67
N HIS B 175 -2.14 -13.71 1.39
CA HIS B 175 -0.70 -13.50 1.25
C HIS B 175 0.02 -13.52 2.60
N PHE B 176 -0.59 -12.93 3.62
CA PHE B 176 -0.03 -13.08 4.97
C PHE B 176 0.09 -14.56 5.31
N ASP B 177 -0.98 -15.32 5.05
CA ASP B 177 -1.02 -16.74 5.40
C ASP B 177 0.09 -17.52 4.67
N THR B 178 0.20 -17.30 3.36
CA THR B 178 1.19 -18.04 2.57
C THR B 178 2.62 -17.62 2.91
N ALA B 179 2.86 -16.33 3.02
CA ALA B 179 4.21 -15.82 3.31
C ALA B 179 4.71 -16.34 4.65
N ALA B 180 3.86 -16.29 5.67
CA ALA B 180 4.27 -16.75 7.00
C ALA B 180 4.50 -18.25 7.01
N ALA B 181 3.68 -18.99 6.30
CA ALA B 181 3.86 -20.44 6.17
C ALA B 181 5.20 -20.77 5.52
N VAL B 182 5.58 -20.05 4.47
CA VAL B 182 6.90 -20.25 3.87
C VAL B 182 8.01 -19.97 4.90
N LEU B 183 7.93 -18.83 5.59
CA LEU B 183 8.93 -18.50 6.60
C LEU B 183 9.06 -19.57 7.66
N ASN B 184 7.91 -20.11 8.08
CA ASN B 184 7.88 -21.14 9.12
C ASN B 184 8.52 -22.49 8.73
N GLU B 185 8.80 -22.66 7.44
CA GLU B 185 9.51 -23.86 6.96
C GLU B 185 11.01 -23.79 7.27
N PHE B 186 11.49 -22.62 7.70
CA PHE B 186 12.93 -22.37 7.81
C PHE B 186 13.34 -22.01 9.23
N PRO B 187 13.83 -23.02 9.99
CA PRO B 187 14.16 -22.76 11.40
C PRO B 187 15.29 -21.77 11.61
N LEU B 188 16.15 -21.57 10.61
CA LEU B 188 17.24 -20.60 10.73
C LEU B 188 16.77 -19.15 10.61
N VAL B 189 15.56 -18.94 10.09
CA VAL B 189 14.97 -17.59 10.06
C VAL B 189 14.47 -17.26 11.45
N LYS B 190 15.24 -16.43 12.16
CA LYS B 190 14.94 -16.12 13.55
C LYS B 190 14.20 -14.81 13.73
N PHE B 191 14.28 -13.94 12.73
CA PHE B 191 13.55 -12.68 12.77
C PHE B 191 13.03 -12.29 11.41
N VAL B 192 11.94 -11.52 11.42
CA VAL B 192 11.23 -11.09 10.23
C VAL B 192 11.06 -9.57 10.38
N THR B 193 11.62 -8.81 9.45
CA THR B 193 11.47 -7.34 9.47
C THR B 193 10.35 -6.92 8.53
N CYS B 194 9.30 -6.35 9.13
CA CYS B 194 8.15 -5.85 8.40
C CYS B 194 8.06 -4.35 8.66
N VAL B 195 8.18 -3.47 7.65
CA VAL B 195 8.18 -3.75 6.22
C VAL B 195 9.22 -2.90 5.50
N ASN B 196 9.61 -3.36 4.30
CA ASN B 196 10.26 -2.51 3.31
C ASN B 196 9.26 -1.46 2.78
N SER B 197 9.76 -0.58 1.91
CA SER B 197 8.91 0.48 1.36
C SER B 197 7.72 -0.08 0.58
N VAL B 198 6.65 0.70 0.54
CA VAL B 198 5.46 0.33 -0.22
C VAL B 198 5.75 0.60 -1.70
N GLY B 199 5.90 -0.47 -2.46
CA GLY B 199 6.52 -0.37 -3.78
C GLY B 199 5.75 0.41 -4.81
N ASN B 200 6.51 1.09 -5.66
CA ASN B 200 6.02 1.66 -6.91
C ASN B 200 4.84 2.60 -6.75
N GLY B 201 4.95 3.49 -5.76
CA GLY B 201 4.10 4.67 -5.68
C GLY B 201 4.59 5.73 -6.66
N LEU B 202 3.81 6.81 -6.80
CA LEU B 202 4.13 7.88 -7.73
C LEU B 202 3.77 9.23 -7.13
N VAL B 203 4.77 10.05 -6.88
CA VAL B 203 4.53 11.41 -6.40
C VAL B 203 4.67 12.35 -7.58
N ILE B 204 3.69 13.25 -7.70
CA ILE B 204 3.66 14.24 -8.78
C ILE B 204 3.58 15.64 -8.17
N ASP B 205 4.41 16.54 -8.67
CA ASP B 205 4.39 17.94 -8.27
C ASP B 205 3.39 18.71 -9.13
N ALA B 206 2.41 19.32 -8.47
CA ALA B 206 1.34 20.03 -9.19
C ALA B 206 1.84 21.23 -9.98
N GLU B 207 2.75 22.01 -9.41
CA GLU B 207 3.23 23.21 -10.08
C GLU B 207 3.98 22.88 -11.38
N SER B 208 4.93 21.94 -11.31
CA SER B 208 5.76 21.61 -12.47
C SER B 208 5.13 20.55 -13.37
N GLU B 209 4.05 19.92 -12.87
CA GLU B 209 3.34 18.85 -13.56
C GLU B 209 4.23 17.67 -13.88
N SER B 210 5.21 17.45 -13.00
CA SER B 210 6.25 16.45 -13.21
CA SER B 210 6.25 16.45 -13.20
C SER B 210 6.37 15.50 -12.03
N VAL B 211 6.77 14.26 -12.33
CA VAL B 211 7.18 13.32 -11.30
C VAL B 211 8.42 13.91 -10.60
N VAL B 212 8.70 13.46 -9.38
CA VAL B 212 9.74 14.11 -8.57
C VAL B 212 11.05 13.32 -8.49
N ILE B 213 11.02 12.06 -8.93
CA ILE B 213 12.28 11.29 -9.04
C ILE B 213 12.44 10.82 -10.49
N LYS B 214 13.71 10.63 -10.89
CA LYS B 214 14.05 10.31 -12.28
C LYS B 214 13.88 8.84 -12.68
N PRO B 215 14.33 7.88 -11.84
CA PRO B 215 14.26 6.48 -12.31
C PRO B 215 12.84 5.99 -12.53
N LYS B 216 12.68 5.03 -13.45
CA LYS B 216 11.43 4.31 -13.64
C LYS B 216 10.22 5.23 -13.79
N GLN B 217 10.41 6.32 -14.54
CA GLN B 217 9.31 7.22 -14.88
C GLN B 217 8.62 7.78 -13.63
N GLY B 218 9.37 7.87 -12.55
CA GLY B 218 8.87 8.45 -11.31
C GLY B 218 8.38 7.49 -10.25
N PHE B 219 8.33 6.20 -10.58
CA PHE B 219 7.79 5.17 -9.68
C PHE B 219 8.85 4.75 -8.67
N GLY B 220 8.50 4.83 -7.38
CA GLY B 220 9.45 4.55 -6.30
C GLY B 220 8.76 4.06 -5.06
N GLY B 221 9.56 3.51 -4.14
CA GLY B 221 9.03 3.00 -2.88
C GLY B 221 8.66 4.11 -1.90
N LEU B 222 7.52 3.95 -1.23
CA LEU B 222 7.02 4.93 -0.26
C LEU B 222 7.37 4.56 1.16
N GLY B 223 7.76 5.57 1.92
CA GLY B 223 7.99 5.42 3.36
C GLY B 223 7.38 6.58 4.11
N GLY B 224 7.41 6.47 5.44
CA GLY B 224 6.96 7.57 6.28
C GLY B 224 5.51 7.47 6.69
N LYS B 225 4.88 8.62 6.88
CA LYS B 225 3.53 8.66 7.46
C LYS B 225 2.50 7.92 6.61
N TYR B 226 2.72 7.90 5.30
CA TYR B 226 1.85 7.19 4.37
C TYR B 226 1.64 5.74 4.77
N ILE B 227 2.67 5.11 5.35
CA ILE B 227 2.71 3.64 5.44
C ILE B 227 2.51 3.06 6.84
N LEU B 228 2.30 3.90 7.85
CA LEU B 228 2.21 3.37 9.21
C LEU B 228 1.14 2.28 9.41
N PRO B 229 -0.14 2.53 9.03
CA PRO B 229 -1.12 1.45 9.21
C PRO B 229 -0.80 0.16 8.44
N THR B 230 -0.16 0.30 7.27
CA THR B 230 0.28 -0.86 6.50
C THR B 230 1.38 -1.60 7.25
N ALA B 231 2.35 -0.85 7.78
CA ALA B 231 3.44 -1.45 8.56
C ALA B 231 2.92 -2.16 9.80
N LEU B 232 2.01 -1.52 10.54
CA LEU B 232 1.46 -2.13 11.74
C LEU B 232 0.73 -3.42 11.42
N ALA B 233 -0.03 -3.41 10.32
CA ALA B 233 -0.75 -4.61 9.90
C ALA B 233 0.19 -5.75 9.64
N ASN B 234 1.27 -5.48 8.91
CA ASN B 234 2.21 -6.53 8.58
C ASN B 234 2.96 -7.03 9.81
N VAL B 235 3.39 -6.12 10.67
CA VAL B 235 4.03 -6.51 11.92
C VAL B 235 3.09 -7.46 12.69
N ASN B 236 1.84 -7.06 12.88
CA ASN B 236 0.94 -7.88 13.67
C ASN B 236 0.59 -9.20 12.98
N ALA B 237 0.43 -9.16 11.66
CA ALA B 237 0.10 -10.37 10.91
C ALA B 237 1.19 -11.43 11.07
N PHE B 238 2.45 -11.01 10.97
CA PHE B 238 3.55 -11.96 11.12
C PHE B 238 3.81 -12.33 12.58
N TYR B 239 3.60 -11.38 13.49
CA TYR B 239 3.69 -11.70 14.92
C TYR B 239 2.71 -12.81 15.29
N ARG B 240 1.49 -12.72 14.77
CA ARG B 240 0.46 -13.73 15.06
C ARG B 240 0.79 -15.06 14.39
N ARG B 241 1.29 -15.02 13.16
CA ARG B 241 1.52 -16.24 12.38
C ARG B 241 2.87 -16.92 12.59
N CYS B 242 3.83 -16.21 13.16
CA CYS B 242 5.16 -16.77 13.40
C CYS B 242 5.49 -16.70 14.88
N PRO B 243 4.75 -17.45 15.72
CA PRO B 243 4.93 -17.32 17.16
C PRO B 243 6.30 -17.77 17.67
N ASP B 244 7.03 -18.53 16.86
CA ASP B 244 8.38 -19.00 17.24
C ASP B 244 9.52 -18.16 16.68
N LYS B 245 9.18 -17.04 16.05
CA LYS B 245 10.17 -16.11 15.53
C LYS B 245 10.00 -14.74 16.15
N LEU B 246 10.99 -13.86 15.96
CA LEU B 246 10.88 -12.45 16.32
C LEU B 246 10.42 -11.64 15.12
N VAL B 247 9.73 -10.55 15.39
CA VAL B 247 9.33 -9.61 14.36
C VAL B 247 9.97 -8.27 14.68
N PHE B 248 10.60 -7.65 13.67
CA PHE B 248 11.16 -6.30 13.81
C PHE B 248 10.21 -5.38 13.03
N GLY B 249 9.86 -4.24 13.61
CA GLY B 249 8.94 -3.32 12.97
C GLY B 249 9.69 -2.24 12.23
N CYS B 250 9.19 -1.90 11.04
CA CYS B 250 9.76 -0.82 10.26
C CYS B 250 8.62 -0.21 9.45
N GLY B 251 8.51 1.11 9.51
CA GLY B 251 7.55 1.82 8.67
C GLY B 251 6.77 2.86 9.44
N GLY B 252 6.94 4.12 9.04
CA GLY B 252 6.16 5.21 9.61
C GLY B 252 6.50 5.64 11.03
N VAL B 253 7.68 5.30 11.53
CA VAL B 253 8.02 5.69 12.91
C VAL B 253 8.65 7.08 12.92
N TYR B 254 7.95 8.04 13.55
CA TYR B 254 8.46 9.40 13.75
C TYR B 254 8.50 9.78 15.22
N SER B 255 7.86 9.00 16.08
CA SER B 255 7.69 9.37 17.48
C SER B 255 7.73 8.15 18.37
N GLY B 256 7.91 8.39 19.67
CA GLY B 256 7.81 7.30 20.65
C GLY B 256 6.44 6.64 20.62
N GLU B 257 5.41 7.42 20.32
CA GLU B 257 4.07 6.85 20.21
C GLU B 257 3.96 5.88 19.04
N ASP B 258 4.52 6.24 17.89
CA ASP B 258 4.55 5.32 16.75
C ASP B 258 5.32 4.02 17.09
N ALA B 259 6.43 4.16 17.81
CA ALA B 259 7.19 3.01 18.26
C ALA B 259 6.38 2.14 19.21
N PHE B 260 5.67 2.80 20.13
CA PHE B 260 4.78 2.10 21.06
C PHE B 260 3.75 1.26 20.31
N LEU B 261 3.17 1.82 19.25
CA LEU B 261 2.20 1.07 18.43
C LEU B 261 2.84 -0.14 17.76
N HIS B 262 4.02 0.04 17.18
CA HIS B 262 4.74 -1.11 16.60
C HIS B 262 4.96 -2.22 17.63
N ILE B 263 5.35 -1.83 18.84
CA ILE B 263 5.64 -2.80 19.89
C ILE B 263 4.35 -3.50 20.35
N LEU B 264 3.27 -2.74 20.53
CA LEU B 264 1.95 -3.33 20.80
C LEU B 264 1.56 -4.36 19.75
N ALA B 265 1.88 -4.05 18.49
CA ALA B 265 1.59 -4.94 17.36
C ALA B 265 2.46 -6.20 17.35
N GLY B 266 3.60 -6.14 18.03
CA GLY B 266 4.46 -7.31 18.20
C GLY B 266 5.94 -7.10 17.94
N ALA B 267 6.35 -5.88 17.60
CA ALA B 267 7.75 -5.60 17.29
C ALA B 267 8.70 -5.78 18.47
N SER B 268 9.84 -6.40 18.19
CA SER B 268 10.96 -6.44 19.11
C SER B 268 11.86 -5.22 18.86
N MET B 269 12.65 -5.24 17.80
CA MET B 269 13.35 -4.03 17.40
C MET B 269 12.40 -3.16 16.57
N VAL B 270 12.68 -1.85 16.59
CA VAL B 270 11.93 -0.84 15.84
C VAL B 270 12.91 -0.05 14.99
N GLN B 271 12.72 -0.12 13.67
CA GLN B 271 13.62 0.54 12.74
C GLN B 271 13.02 1.84 12.22
N VAL B 272 13.90 2.79 11.92
CA VAL B 272 13.53 4.15 11.56
C VAL B 272 14.20 4.51 10.24
N GLY B 273 13.40 4.76 9.20
CA GLY B 273 13.92 5.09 7.88
C GLY B 273 13.77 6.56 7.57
N THR B 274 12.65 6.89 6.93
CA THR B 274 12.35 8.26 6.49
C THR B 274 12.61 9.32 7.57
N ALA B 275 12.09 9.09 8.77
CA ALA B 275 12.23 10.08 9.84
C ALA B 275 13.69 10.31 10.22
N LEU B 276 14.50 9.25 10.17
CA LEU B 276 15.94 9.38 10.43
C LEU B 276 16.65 10.11 9.28
N GLN B 277 16.26 9.77 8.06
CA GLN B 277 16.80 10.48 6.89
C GLN B 277 16.55 11.97 7.01
N GLU B 278 15.38 12.33 7.50
CA GLU B 278 14.98 13.75 7.57
C GLU B 278 15.52 14.47 8.79
N GLU B 279 15.52 13.80 9.94
CA GLU B 279 15.86 14.45 11.21
C GLU B 279 17.32 14.26 11.61
N GLY B 280 17.95 13.17 11.16
CA GLY B 280 19.30 12.85 11.59
C GLY B 280 19.33 12.01 12.87
N PRO B 281 20.53 11.55 13.27
CA PRO B 281 20.66 10.58 14.36
C PRO B 281 20.26 11.07 15.75
N GLY B 282 20.07 12.38 15.92
CA GLY B 282 19.51 12.90 17.16
C GLY B 282 18.11 12.34 17.43
N ILE B 283 17.44 11.87 16.39
CA ILE B 283 16.11 11.31 16.57
C ILE B 283 16.08 10.21 17.64
N PHE B 284 17.17 9.47 17.78
CA PHE B 284 17.17 8.33 18.70
C PHE B 284 16.99 8.73 20.16
N THR B 285 17.59 9.84 20.60
CA THR B 285 17.38 10.26 21.98
C THR B 285 15.93 10.70 22.20
N ARG B 286 15.36 11.36 21.19
CA ARG B 286 13.96 11.79 21.27
C ARG B 286 12.99 10.61 21.33
N LEU B 287 13.23 9.60 20.50
CA LEU B 287 12.35 8.42 20.49
C LEU B 287 12.41 7.69 21.81
N GLU B 288 13.62 7.54 22.36
CA GLU B 288 13.80 6.91 23.67
C GLU B 288 13.04 7.67 24.76
N ASP B 289 13.22 8.99 24.80
CA ASP B 289 12.53 9.81 25.80
C ASP B 289 11.01 9.72 25.66
N GLU B 290 10.52 9.76 24.43
CA GLU B 290 9.08 9.73 24.18
C GLU B 290 8.46 8.37 24.52
N LEU B 291 9.17 7.29 24.20
CA LEU B 291 8.68 5.95 24.54
C LEU B 291 8.65 5.75 26.05
N LEU B 292 9.71 6.19 26.72
CA LEU B 292 9.75 6.09 28.19
C LEU B 292 8.63 6.90 28.86
N GLU B 293 8.30 8.05 28.30
CA GLU B 293 7.22 8.88 28.82
C GLU B 293 5.86 8.17 28.73
N ILE B 294 5.61 7.52 27.58
CA ILE B 294 4.36 6.77 27.41
C ILE B 294 4.30 5.61 28.39
N MET B 295 5.42 4.89 28.52
CA MET B 295 5.50 3.76 29.46
C MET B 295 5.25 4.21 30.89
N ALA B 296 5.87 5.32 31.30
CA ALA B 296 5.66 5.88 32.64
C ALA B 296 4.19 6.21 32.91
N ARG B 297 3.54 6.87 31.95
CA ARG B 297 2.13 7.25 32.07
C ARG B 297 1.22 6.04 32.23
N LYS B 298 1.59 4.93 31.59
CA LYS B 298 0.80 3.70 31.57
C LYS B 298 1.20 2.68 32.65
N GLY B 299 2.30 2.96 33.34
CA GLY B 299 2.82 2.07 34.38
C GLY B 299 3.54 0.84 33.86
N TYR B 300 4.00 0.88 32.61
CA TYR B 300 4.80 -0.22 32.05
C TYR B 300 6.27 -0.03 32.40
N ARG B 301 6.89 -1.10 32.92
CA ARG B 301 8.29 -1.04 33.37
C ARG B 301 9.26 -1.59 32.33
N THR B 302 8.79 -2.51 31.50
CA THR B 302 9.63 -3.16 30.48
C THR B 302 8.84 -3.28 29.18
N LEU B 303 9.54 -3.54 28.09
CA LEU B 303 8.90 -3.70 26.80
C LEU B 303 8.05 -4.99 26.73
N GLU B 304 8.48 -6.03 27.43
CA GLU B 304 7.76 -7.32 27.43
C GLU B 304 6.36 -7.19 28.04
N GLU B 305 6.16 -6.18 28.87
CA GLU B 305 4.85 -6.00 29.50
C GLU B 305 3.75 -5.64 28.51
N PHE B 306 4.12 -5.08 27.36
CA PHE B 306 3.11 -4.71 26.36
C PHE B 306 3.37 -5.20 24.92
N ARG B 307 4.53 -5.80 24.67
CA ARG B 307 4.81 -6.31 23.32
C ARG B 307 3.77 -7.31 22.87
N GLY B 308 3.16 -7.06 21.72
CA GLY B 308 2.17 -7.96 21.14
C GLY B 308 0.80 -7.92 21.81
N ARG B 309 0.61 -6.99 22.74
CA ARG B 309 -0.61 -6.97 23.56
C ARG B 309 -1.71 -6.06 23.04
N VAL B 310 -1.64 -5.69 21.77
CA VAL B 310 -2.73 -4.96 21.14
C VAL B 310 -4.06 -5.67 21.39
N LYS B 311 -5.06 -4.90 21.79
CA LYS B 311 -6.38 -5.45 22.07
C LYS B 311 -7.26 -5.44 20.82
N THR B 312 -8.04 -6.49 20.65
CA THR B 312 -9.06 -6.50 19.59
C THR B 312 -10.44 -6.30 20.22
N ILE B 313 -11.43 -6.00 19.39
CA ILE B 313 -12.78 -5.69 19.89
C ILE B 313 -13.63 -6.96 19.89
N GLU B 314 -14.16 -7.30 21.07
CA GLU B 314 -14.97 -8.51 21.25
C GLU B 314 -16.35 -8.38 20.62
CO NCO C . -20.72 13.28 8.27
N1 NCO C . -20.64 15.12 9.07
N2 NCO C . -18.78 13.00 8.67
N3 NCO C . -20.83 11.44 7.48
N4 NCO C . -22.66 13.56 7.86
N5 NCO C . -20.19 14.01 6.48
N6 NCO C . -21.23 12.57 10.06
N1 FMN D . -15.33 0.38 -3.14
C2 FMN D . -16.09 -0.42 -3.96
O2 FMN D . -15.69 -0.70 -5.09
N3 FMN D . -17.30 -0.87 -3.51
C4 FMN D . -17.81 -0.58 -2.26
O4 FMN D . -18.99 -0.87 -1.99
C4A FMN D . -17.04 0.24 -1.44
N5 FMN D . -17.48 0.59 -0.17
C5A FMN D . -16.73 1.46 0.60
C6 FMN D . -17.17 1.82 1.87
C7 FMN D . -16.41 2.68 2.68
C7M FMN D . -17.12 3.33 3.85
C8 FMN D . -15.18 3.16 2.20
C8M FMN D . -14.49 4.32 2.88
C9 FMN D . -14.74 2.77 0.94
C9A FMN D . -15.50 1.93 0.14
N10 FMN D . -15.03 1.53 -1.11
C10 FMN D . -15.80 0.72 -1.90
C1' FMN D . -13.66 1.90 -1.56
C2' FMN D . -13.77 3.27 -2.23
O2' FMN D . -14.63 3.21 -3.36
C3' FMN D . -12.42 3.82 -2.68
O3' FMN D . -11.92 2.96 -3.67
C4' FMN D . -11.41 3.96 -1.53
O4' FMN D . -12.06 4.41 -0.35
C5' FMN D . -10.25 4.88 -1.89
O5' FMN D . -10.69 6.19 -2.17
P FMN D . -10.51 7.37 -1.08
O1P FMN D . -9.04 7.52 -0.79
O2P FMN D . -11.17 8.59 -1.72
O3P FMN D . -11.24 6.93 0.18
O2 DOR E . -12.95 -0.58 0.93
C2 DOR E . -13.91 -1.27 0.54
N1 DOR E . -14.89 -1.58 1.38
N3 DOR E . -13.93 -1.72 -0.72
C4 DOR E . -14.85 -2.56 -1.21
O4 DOR E . -14.86 -2.91 -2.38
C5 DOR E . -15.92 -3.07 -0.29
C6 DOR E . -16.15 -2.16 0.91
C7 DOR E . -16.87 -2.98 1.94
O72 DOR E . -16.23 -3.49 2.88
O71 DOR E . -18.12 -3.10 1.79
C1 GOL F . -26.56 18.45 -2.40
O1 GOL F . -25.29 18.99 -1.97
C2 GOL F . -27.36 17.94 -1.22
O2 GOL F . -27.96 19.07 -0.56
C3 GOL F . -28.49 17.01 -1.64
O3 GOL F . -29.07 16.41 -0.47
C1 GOL G . 7.93 1.97 -14.21
O1 GOL G . 9.15 1.33 -14.60
C2 GOL G . 6.86 1.72 -15.27
O2 GOL G . 6.68 0.32 -15.48
C3 GOL G . 5.56 2.35 -14.81
O3 GOL G . 4.55 2.29 -15.82
C1 GOL H . -7.29 -10.71 9.95
O1 GOL H . -8.48 -11.43 9.59
C2 GOL H . -6.24 -11.70 10.42
O2 GOL H . -5.88 -12.58 9.34
C3 GOL H . -5.02 -10.92 10.86
O3 GOL H . -3.99 -11.79 11.34
C1 GOL I . 3.40 -9.90 -18.57
O1 GOL I . 4.12 -8.98 -19.40
C2 GOL I . 2.20 -10.54 -19.27
O2 GOL I . 2.51 -10.92 -20.62
C3 GOL I . 1.72 -11.80 -18.55
O3 GOL I . 2.32 -11.97 -17.25
N1 FMN J . 15.47 -1.20 2.79
C2 FMN J . 16.32 -2.27 2.68
O2 FMN J . 15.99 -3.37 3.11
N3 FMN J . 17.57 -2.11 2.10
C4 FMN J . 17.99 -0.88 1.63
O4 FMN J . 19.16 -0.76 1.25
C4A FMN J . 17.13 0.20 1.75
N5 FMN J . 17.51 1.47 1.30
C5A FMN J . 16.67 2.55 1.47
C6 FMN J . 17.04 3.82 1.03
C7 FMN J . 16.20 4.92 1.20
C7M FMN J . 16.82 6.29 1.13
C8 FMN J . 14.94 4.72 1.80
C8M FMN J . 14.15 5.88 2.36
C9 FMN J . 14.56 3.46 2.22
C9A FMN J . 15.41 2.36 2.06
N10 FMN J . 15.02 1.10 2.48
C10 FMN J . 15.88 0.03 2.34
C1' FMN J . 13.65 0.85 3.01
C2' FMN J . 13.70 1.15 4.51
O2' FMN J . 14.61 0.26 5.16
C3' FMN J . 12.33 1.03 5.15
O3' FMN J . 11.93 -0.32 5.05
C4' FMN J . 11.28 1.97 4.52
O4' FMN J . 11.85 3.23 4.21
C5' FMN J . 10.06 2.14 5.42
O5' FMN J . 10.40 2.71 6.67
P FMN J . 10.10 4.27 6.96
O1P FMN J . 8.61 4.47 6.86
O2P FMN J . 10.67 4.52 8.34
O3P FMN J . 10.84 5.07 5.89
O2 DOR K . 13.07 1.35 -0.55
C2 DOR K . 14.08 0.69 -0.81
N1 DOR K . 15.06 1.24 -1.52
N3 DOR K . 14.18 -0.58 -0.40
C4 DOR K . 15.18 -1.41 -0.72
O4 DOR K . 15.24 -2.57 -0.33
C5 DOR K . 16.27 -0.89 -1.61
C6 DOR K . 16.38 0.63 -1.64
C7 DOR K . 17.09 1.01 -2.89
O72 DOR K . 16.44 1.40 -3.89
O71 DOR K . 18.33 0.91 -2.85
#